data_3R6E
#
_entry.id   3R6E
#
_cell.length_a   62.776
_cell.length_b   67.283
_cell.length_c   74.139
_cell.angle_alpha   105.920
_cell.angle_beta   106.580
_cell.angle_gamma   101.920
#
_symmetry.space_group_name_H-M   'P 1'
#
loop_
_entity.id
_entity.type
_entity.pdbx_description
1 polymer Tt-IPPase
2 non-polymer 'SULFATE ION'
3 non-polymer 'AMMONIUM ION'
4 water water
#
_entity_poly.entity_id   1
_entity_poly.type   'polypeptide(L)'
_entity_poly.pdbx_seq_one_letter_code
;(MSE)NPFHELEPGPEVPEVVYALIEIPKGSRNKYELDKKTGLLKLDRVLYSPFFYPVDYGIIPQTWYDDGDPFDI
(MSE)VI(MSE)REPVYPLTIIEARPIGI(MSE)K(MSE)EDSGDKDWKVLAVPVEDPYFNDWKDISDVPKAFLDEIAHF
FQRYKELQGKTTKIEGWGNAEEAKREILRAIE(MSE)YKEKFGKEE
;
_entity_poly.pdbx_strand_id   A,B,C,D,E,F
#
loop_
_chem_comp.id
_chem_comp.type
_chem_comp.name
_chem_comp.formula
NH4 non-polymer 'AMMONIUM ION' 'H4 N 1'
SO4 non-polymer 'SULFATE ION' 'O4 S -2'
#
# COMPACT_ATOMS: atom_id res chain seq x y z
N MSE A 1 -4.44 15.87 27.22
N MSE A 1 -3.84 15.84 27.27
CA MSE A 1 -5.00 14.74 28.00
CA MSE A 1 -4.65 14.75 27.88
C MSE A 1 -5.04 13.49 27.12
C MSE A 1 -4.62 13.49 27.03
O MSE A 1 -5.33 13.57 25.93
O MSE A 1 -4.51 13.54 25.81
CB MSE A 1 -6.43 15.07 28.49
CB MSE A 1 -6.11 15.18 28.04
CG MSE A 1 -6.97 14.11 29.54
CG MSE A 1 -6.42 15.88 29.34
SE MSE A 1 -8.81 14.52 30.12
SE MSE A 1 -8.34 15.91 29.65
CE MSE A 1 -8.76 16.47 29.98
CE MSE A 1 -8.60 14.00 30.06
N ASN A 2 -4.72 12.35 27.71
CA ASN A 2 -4.88 11.07 27.05
C ASN A 2 -6.34 10.95 26.57
N PRO A 3 -6.58 10.70 25.27
CA PRO A 3 -7.97 10.65 24.78
C PRO A 3 -8.82 9.55 25.41
N PHE A 4 -8.19 8.52 25.93
N PHE A 4 -8.18 8.52 25.95
CA PHE A 4 -8.94 7.50 26.62
CA PHE A 4 -8.90 7.47 26.67
C PHE A 4 -9.72 8.11 27.80
C PHE A 4 -9.64 8.02 27.89
N HIS A 5 -9.08 9.06 28.51
CA HIS A 5 -9.71 9.73 29.62
C HIS A 5 -10.58 10.90 29.17
N GLU A 6 -10.24 11.55 28.06
CA GLU A 6 -10.91 12.77 27.68
C GLU A 6 -12.22 12.55 26.94
N LEU A 7 -12.24 11.53 26.09
N LEU A 7 -12.23 11.60 26.02
CA LEU A 7 -13.38 11.29 25.20
CA LEU A 7 -13.43 11.34 25.23
C LEU A 7 -14.49 10.52 25.93
C LEU A 7 -14.49 10.69 26.09
N GLU A 8 -15.76 10.87 25.72
CA GLU A 8 -16.87 10.13 26.30
C GLU A 8 -16.99 8.73 25.70
N PRO A 9 -17.65 7.79 26.39
N PRO A 9 -17.66 7.80 26.40
CA PRO A 9 -17.70 6.43 25.84
CA PRO A 9 -17.79 6.44 25.89
C PRO A 9 -18.46 6.35 24.55
C PRO A 9 -18.40 6.38 24.51
N GLY A 10 -19.36 7.30 24.29
N GLY A 10 -19.52 7.08 24.32
CA GLY A 10 -20.07 7.25 23.03
CA GLY A 10 -20.17 7.10 23.02
C GLY A 10 -21.24 8.21 23.04
C GLY A 10 -21.21 8.20 22.90
N PRO A 11 -21.79 8.45 21.86
N PRO A 11 -21.83 8.31 21.72
CA PRO A 11 -22.89 9.40 21.72
CA PRO A 11 -22.88 9.30 21.45
C PRO A 11 -24.24 8.82 22.17
C PRO A 11 -24.28 8.83 21.82
N GLU A 12 -24.45 7.52 22.03
CA GLU A 12 -25.75 6.95 22.40
C GLU A 12 -25.51 5.60 23.00
N VAL A 13 -24.74 5.58 24.10
N VAL A 13 -24.65 5.54 24.02
CA VAL A 13 -24.32 4.35 24.74
CA VAL A 13 -24.25 4.24 24.55
C VAL A 13 -25.50 3.55 25.29
C VAL A 13 -25.48 3.57 25.12
N PRO A 14 -25.54 2.22 25.04
CA PRO A 14 -24.56 1.34 24.41
C PRO A 14 -24.91 0.99 22.97
N GLU A 15 -25.91 1.65 22.40
N GLU A 15 -25.95 1.61 22.41
CA GLU A 15 -26.34 1.38 21.03
CA GLU A 15 -26.35 1.37 21.01
C GLU A 15 -25.35 1.87 19.98
C GLU A 15 -25.25 1.80 20.05
N VAL A 16 -24.70 2.98 20.29
CA VAL A 16 -23.61 3.50 19.49
C VAL A 16 -22.56 3.95 20.47
N VAL A 17 -21.35 3.43 20.29
CA VAL A 17 -20.22 3.80 21.12
C VAL A 17 -19.13 4.41 20.27
N TYR A 18 -18.19 5.10 20.91
CA TYR A 18 -16.98 5.51 20.24
C TYR A 18 -15.94 4.44 20.39
N ALA A 19 -15.41 4.02 19.25
CA ALA A 19 -14.25 3.17 19.23
C ALA A 19 -13.05 4.05 18.91
N LEU A 20 -12.08 4.08 19.82
N LEU A 20 -12.13 4.17 19.84
CA LEU A 20 -10.84 4.84 19.61
CA LEU A 20 -10.87 4.86 19.56
C LEU A 20 -9.78 3.88 19.08
C LEU A 20 -9.94 3.78 19.04
N ILE A 21 -9.57 3.90 17.77
CA ILE A 21 -8.77 2.87 17.13
C ILE A 21 -7.29 3.07 17.45
N GLU A 22 -6.64 1.98 17.85
CA GLU A 22 -5.20 1.94 18.06
C GLU A 22 -4.48 1.22 16.90
N ILE A 23 -5.11 0.19 16.35
CA ILE A 23 -4.43 -0.69 15.39
C ILE A 23 -5.30 -0.85 14.15
N PRO A 24 -4.83 -0.36 13.01
CA PRO A 24 -5.61 -0.55 11.80
C PRO A 24 -5.58 -2.01 11.35
N LYS A 25 -6.69 -2.44 10.76
N LYS A 25 -6.68 -2.45 10.75
CA LYS A 25 -6.73 -3.73 10.09
CA LYS A 25 -6.74 -3.78 10.14
C LYS A 25 -5.52 -3.84 9.18
C LYS A 25 -5.65 -3.92 9.07
N GLY A 26 -4.84 -4.98 9.21
CA GLY A 26 -3.71 -5.21 8.33
C GLY A 26 -2.35 -4.96 8.97
N SER A 27 -2.35 -4.47 10.21
N SER A 27 -2.31 -4.47 10.17
CA SER A 27 -1.08 -4.21 10.90
CA SER A 27 -1.06 -4.21 10.85
C SER A 27 -0.55 -5.49 11.52
C SER A 27 -0.52 -5.42 11.62
N ARG A 28 0.77 -5.68 11.48
CA ARG A 28 1.47 -6.64 12.32
C ARG A 28 2.06 -5.94 13.55
N ASN A 29 2.25 -4.63 13.47
CA ASN A 29 2.65 -3.86 14.64
C ASN A 29 1.44 -3.73 15.57
N LYS A 30 1.65 -4.03 16.85
CA LYS A 30 0.60 -3.95 17.86
C LYS A 30 0.84 -2.66 18.61
N TYR A 31 -0.10 -1.72 18.51
CA TYR A 31 0.02 -0.42 19.14
C TYR A 31 -0.90 -0.35 20.35
N GLU A 32 -0.54 0.53 21.28
CA GLU A 32 -1.30 0.84 22.49
C GLU A 32 -1.14 2.34 22.71
N LEU A 33 -1.76 2.86 23.75
CA LEU A 33 -1.57 4.27 24.12
C LEU A 33 -0.60 4.41 25.29
N ASP A 34 0.31 5.38 25.22
CA ASP A 34 1.15 5.75 26.36
C ASP A 34 0.22 6.30 27.44
N LYS A 35 0.41 5.83 28.66
CA LYS A 35 -0.50 6.15 29.74
C LYS A 35 -0.56 7.65 30.01
N LYS A 36 0.60 8.26 30.22
CA LYS A 36 0.64 9.67 30.62
C LYS A 36 0.16 10.59 29.51
N THR A 37 0.64 10.37 28.29
CA THR A 37 0.44 11.33 27.21
C THR A 37 -0.73 10.97 26.30
N GLY A 38 -1.03 9.70 26.19
CA GLY A 38 -1.99 9.24 25.19
C GLY A 38 -1.45 9.16 23.77
N LEU A 39 -0.15 9.33 23.60
N LEU A 39 -0.14 9.30 23.59
CA LEU A 39 0.47 9.10 22.31
CA LEU A 39 0.44 9.10 22.27
C LEU A 39 0.30 7.62 21.93
C LEU A 39 0.50 7.62 21.91
N LEU A 40 0.30 7.34 20.63
CA LEU A 40 0.38 5.97 20.16
C LEU A 40 1.78 5.44 20.51
N LYS A 41 1.83 4.17 20.86
CA LYS A 41 3.07 3.53 21.27
C LYS A 41 3.11 2.13 20.71
N LEU A 42 4.28 1.71 20.21
CA LEU A 42 4.45 0.32 19.81
C LEU A 42 4.51 -0.57 21.06
N ASP A 43 3.53 -1.45 21.24
CA ASP A 43 3.58 -2.44 22.31
C ASP A 43 4.57 -3.54 21.92
N ARG A 44 4.38 -4.14 20.75
CA ARG A 44 5.30 -5.15 20.23
C ARG A 44 5.05 -5.31 18.74
N VAL A 45 6.00 -5.94 18.07
CA VAL A 45 5.73 -6.52 16.76
C VAL A 45 5.26 -7.96 16.99
N LEU A 46 4.13 -8.35 16.41
CA LEU A 46 3.67 -9.70 16.66
C LEU A 46 4.77 -10.68 16.29
N TYR A 47 4.90 -11.77 17.05
CA TYR A 47 6.01 -12.70 16.85
C TYR A 47 5.80 -13.61 15.63
N SER A 48 4.58 -13.61 15.09
N SER A 48 4.58 -13.61 15.12
CA SER A 48 4.22 -14.43 13.96
CA SER A 48 4.17 -14.43 13.97
C SER A 48 3.75 -13.50 12.85
C SER A 48 3.60 -13.52 12.89
N PRO A 49 3.67 -14.00 11.61
N PRO A 49 3.69 -13.94 11.62
CA PRO A 49 3.27 -13.12 10.51
CA PRO A 49 3.18 -13.15 10.48
C PRO A 49 1.76 -13.04 10.35
C PRO A 49 1.67 -13.20 10.38
N PHE A 50 1.12 -12.58 11.41
N PHE A 50 1.05 -12.64 11.41
CA PHE A 50 -0.30 -12.40 11.42
CA PHE A 50 -0.37 -12.37 11.48
C PHE A 50 -0.57 -10.92 11.40
C PHE A 50 -0.53 -10.90 11.28
N PHE A 51 -1.74 -10.54 10.90
CA PHE A 51 -2.12 -9.16 10.94
C PHE A 51 -3.45 -9.03 11.62
N TYR A 52 -3.69 -7.87 12.20
CA TYR A 52 -4.97 -7.65 12.84
C TYR A 52 -6.12 -7.76 11.81
N PRO A 53 -7.15 -8.57 12.10
CA PRO A 53 -8.19 -8.79 11.09
C PRO A 53 -9.30 -7.75 11.09
N VAL A 54 -9.24 -6.83 12.06
CA VAL A 54 -10.25 -5.81 12.34
C VAL A 54 -9.49 -4.55 12.74
N ASP A 55 -10.15 -3.42 12.66
CA ASP A 55 -9.61 -2.20 13.29
C ASP A 55 -9.84 -2.36 14.79
N TYR A 56 -8.79 -2.19 15.58
CA TYR A 56 -8.79 -2.63 16.98
C TYR A 56 -8.50 -1.43 17.85
N GLY A 57 -9.27 -1.28 18.91
CA GLY A 57 -9.01 -0.19 19.82
C GLY A 57 -9.76 -0.36 21.11
N ILE A 58 -10.07 0.77 21.73
CA ILE A 58 -10.67 0.77 23.05
C ILE A 58 -11.87 1.72 23.07
N ILE A 59 -12.76 1.46 24.00
CA ILE A 59 -13.84 2.38 24.26
C ILE A 59 -13.38 3.36 25.36
N PRO A 60 -13.45 4.68 25.09
N PRO A 60 -13.44 4.68 25.08
CA PRO A 60 -12.98 5.63 26.10
CA PRO A 60 -12.95 5.64 26.07
C PRO A 60 -13.77 5.49 27.40
C PRO A 60 -13.81 5.69 27.33
N GLN A 61 -13.13 5.85 28.51
N GLN A 61 -13.14 5.76 28.49
CA GLN A 61 -13.79 5.88 29.81
CA GLN A 61 -13.79 5.86 29.79
C GLN A 61 -14.50 4.54 30.09
C GLN A 61 -14.43 4.53 30.21
N THR A 62 -13.77 3.44 29.84
CA THR A 62 -14.16 2.10 30.28
C THR A 62 -12.99 1.43 31.01
N TRP A 63 -13.34 0.42 31.82
CA TRP A 63 -12.32 -0.42 32.45
C TRP A 63 -12.90 -1.80 32.54
N TYR A 64 -12.07 -2.81 32.59
CA TYR A 64 -12.55 -4.18 32.53
C TYR A 64 -11.84 -5.06 33.58
N ASP A 65 -12.25 -6.32 33.63
N ASP A 65 -12.28 -6.30 33.65
CA ASP A 65 -11.86 -7.20 34.74
CA ASP A 65 -11.87 -7.23 34.70
C ASP A 65 -10.41 -7.63 34.72
C ASP A 65 -10.37 -7.39 34.78
N ASP A 66 -9.72 -7.36 33.61
CA ASP A 66 -8.31 -7.65 33.50
C ASP A 66 -7.45 -6.43 33.80
N GLY A 67 -8.06 -5.35 34.28
CA GLY A 67 -7.31 -4.16 34.68
C GLY A 67 -6.81 -3.35 33.50
N ASP A 68 -7.66 -3.19 32.49
CA ASP A 68 -7.34 -2.40 31.29
C ASP A 68 -8.62 -1.81 30.72
N PRO A 69 -8.50 -0.85 29.79
CA PRO A 69 -9.68 -0.37 29.06
C PRO A 69 -10.40 -1.51 28.35
N PHE A 70 -11.70 -1.32 28.09
CA PHE A 70 -12.45 -2.37 27.37
C PHE A 70 -12.16 -2.27 25.85
N ASP A 71 -11.75 -3.40 25.30
CA ASP A 71 -11.37 -3.47 23.90
C ASP A 71 -12.57 -3.61 22.97
N ILE A 72 -12.43 -3.02 21.78
CA ILE A 72 -13.44 -3.08 20.75
C ILE A 72 -12.78 -3.31 19.38
N MSE A 73 -13.44 -4.15 18.61
CA MSE A 73 -13.02 -4.55 17.28
C MSE A 73 -14.06 -4.04 16.30
O MSE A 73 -15.20 -4.40 16.40
CB MSE A 73 -12.98 -6.07 17.22
CG MSE A 73 -12.07 -6.68 18.29
SE MSE A 73 -11.94 -8.62 18.27
CE MSE A 73 -13.77 -8.99 18.63
N VAL A 74 -13.65 -3.20 15.36
CA VAL A 74 -14.59 -2.61 14.39
C VAL A 74 -14.28 -3.20 13.03
N ILE A 75 -15.29 -3.76 12.38
CA ILE A 75 -15.12 -4.31 11.05
C ILE A 75 -15.15 -3.17 10.03
N MSE A 76 -14.01 -2.90 9.39
N MSE A 76 -14.02 -3.06 9.33
CA MSE A 76 -13.90 -1.81 8.39
CA MSE A 76 -13.79 -2.01 8.37
C MSE A 76 -13.36 -2.33 7.08
C MSE A 76 -13.61 -2.64 7.02
O MSE A 76 -12.40 -3.07 7.06
O MSE A 76 -13.13 -3.78 6.90
CB MSE A 76 -12.94 -0.71 8.87
CB MSE A 76 -12.49 -1.30 8.70
CG MSE A 76 -13.43 0.09 10.01
CG MSE A 76 -12.58 0.20 8.70
SE MSE A 76 -14.82 1.37 9.53
SE MSE A 76 -12.96 0.83 10.50
CE MSE A 76 -13.90 2.60 8.36
CE MSE A 76 -14.66 1.71 10.14
N ARG A 77 -14.00 -1.90 6.00
CA ARG A 77 -13.55 -2.23 4.68
C ARG A 77 -12.17 -1.62 4.38
N GLU A 78 -12.05 -0.29 4.52
N GLU A 78 -12.00 -0.32 4.57
CA GLU A 78 -10.81 0.48 4.43
CA GLU A 78 -10.69 0.31 4.40
C GLU A 78 -10.41 0.76 5.89
C GLU A 78 -10.25 0.86 5.76
N PRO A 79 -9.21 0.35 6.31
N PRO A 79 -9.03 0.52 6.17
CA PRO A 79 -8.83 0.68 7.70
CA PRO A 79 -8.63 0.81 7.55
C PRO A 79 -8.64 2.17 7.93
C PRO A 79 -8.73 2.28 7.88
N VAL A 80 -8.88 2.58 9.16
CA VAL A 80 -8.67 3.95 9.59
C VAL A 80 -7.23 4.12 10.10
N TYR A 81 -6.85 5.34 10.40
CA TYR A 81 -5.57 5.67 10.99
C TYR A 81 -5.65 5.50 12.51
N PRO A 82 -4.53 5.19 13.14
CA PRO A 82 -4.58 5.15 14.62
C PRO A 82 -5.00 6.49 15.17
N LEU A 83 -5.71 6.42 16.28
CA LEU A 83 -6.28 7.55 17.01
C LEU A 83 -7.50 8.16 16.32
N THR A 84 -8.11 7.45 15.38
CA THR A 84 -9.38 7.83 14.79
C THR A 84 -10.53 7.28 15.64
N ILE A 85 -11.51 8.14 15.86
CA ILE A 85 -12.75 7.75 16.48
C ILE A 85 -13.75 7.24 15.45
N ILE A 86 -14.33 6.07 15.69
CA ILE A 86 -15.39 5.54 14.85
C ILE A 86 -16.67 5.40 15.69
N GLU A 87 -17.79 5.91 15.20
CA GLU A 87 -19.10 5.63 15.81
C GLU A 87 -19.49 4.21 15.45
N ALA A 88 -19.59 3.35 16.45
CA ALA A 88 -19.66 1.91 16.23
C ALA A 88 -20.89 1.31 16.89
N ARG A 89 -21.55 0.39 16.17
CA ARG A 89 -22.68 -0.35 16.67
C ARG A 89 -22.21 -1.70 17.14
N PRO A 90 -22.33 -1.98 18.45
CA PRO A 90 -21.95 -3.33 18.91
C PRO A 90 -22.87 -4.38 18.35
N ILE A 91 -22.31 -5.49 17.87
CA ILE A 91 -23.11 -6.59 17.36
C ILE A 91 -22.84 -7.93 18.03
N GLY A 92 -21.84 -7.98 18.90
CA GLY A 92 -21.49 -9.22 19.56
C GLY A 92 -20.26 -9.04 20.40
N ILE A 93 -19.80 -10.13 21.01
CA ILE A 93 -18.66 -10.05 21.93
C ILE A 93 -17.89 -11.35 21.91
N MSE A 94 -16.58 -11.26 21.79
N MSE A 94 -16.58 -11.26 21.73
CA MSE A 94 -15.70 -12.41 21.82
CA MSE A 94 -15.72 -12.43 21.83
C MSE A 94 -15.30 -12.72 23.25
C MSE A 94 -15.46 -12.67 23.30
O MSE A 94 -14.68 -11.89 23.91
O MSE A 94 -15.08 -11.77 24.04
CB MSE A 94 -14.44 -12.12 21.02
CB MSE A 94 -14.40 -12.21 21.08
CG MSE A 94 -13.57 -13.32 20.87
CG MSE A 94 -13.38 -13.30 21.33
SE MSE A 94 -11.93 -12.99 19.91
SE MSE A 94 -12.90 -14.37 19.76
CE MSE A 94 -11.35 -11.41 20.86
CE MSE A 94 -11.74 -13.07 18.91
N LYS A 95 -15.67 -13.92 23.71
CA LYS A 95 -15.49 -14.31 25.10
C LYS A 95 -14.22 -15.06 25.12
N MSE A 96 -13.23 -14.47 25.77
N MSE A 96 -13.25 -14.51 25.80
CA MSE A 96 -11.84 -14.92 25.71
CA MSE A 96 -12.02 -15.20 25.89
C MSE A 96 -11.22 -14.68 27.07
C MSE A 96 -11.42 -14.86 27.22
O MSE A 96 -11.46 -13.62 27.69
O MSE A 96 -11.84 -13.94 27.93
CB MSE A 96 -11.08 -14.10 24.67
CB MSE A 96 -11.09 -14.82 24.76
CG MSE A 96 -9.58 -14.38 24.63
CG MSE A 96 -10.88 -13.33 24.62
SE MSE A 96 -8.47 -12.84 24.09
SE MSE A 96 -9.60 -12.97 23.23
CE MSE A 96 -9.13 -12.52 22.32
CE MSE A 96 -8.22 -14.16 23.84
N GLU A 97 -10.44 -15.65 27.56
CA GLU A 97 -9.66 -15.44 28.74
C GLU A 97 -8.19 -15.54 28.36
N ASP A 98 -7.41 -14.61 28.86
CA ASP A 98 -6.01 -14.50 28.53
C ASP A 98 -5.30 -14.68 29.86
N SER A 99 -4.52 -15.74 29.96
CA SER A 99 -3.77 -16.04 31.18
C SER A 99 -4.69 -16.06 32.41
N GLY A 100 -5.90 -16.55 32.23
CA GLY A 100 -6.87 -16.69 33.31
C GLY A 100 -7.68 -15.44 33.64
N ASP A 101 -7.51 -14.38 32.87
CA ASP A 101 -8.23 -13.12 33.09
C ASP A 101 -9.34 -12.93 32.08
N LYS A 102 -10.52 -12.53 32.53
CA LYS A 102 -11.62 -12.20 31.61
C LYS A 102 -11.14 -11.05 30.77
N ASP A 103 -11.15 -11.24 29.46
CA ASP A 103 -10.57 -10.28 28.53
C ASP A 103 -11.41 -10.20 27.26
N TRP A 104 -12.72 -10.13 27.47
CA TRP A 104 -13.68 -10.14 26.40
C TRP A 104 -13.51 -8.87 25.55
N LYS A 105 -13.92 -8.98 24.29
CA LYS A 105 -13.76 -7.86 23.37
C LYS A 105 -15.01 -7.67 22.54
N VAL A 106 -15.49 -6.43 22.47
CA VAL A 106 -16.70 -6.13 21.72
C VAL A 106 -16.41 -6.25 20.21
N LEU A 107 -17.34 -6.82 19.46
CA LEU A 107 -17.32 -6.79 18.01
C LEU A 107 -18.36 -5.79 17.53
N ALA A 108 -17.97 -4.89 16.63
CA ALA A 108 -18.86 -3.81 16.20
C ALA A 108 -18.68 -3.50 14.71
N VAL A 109 -19.64 -2.77 14.16
CA VAL A 109 -19.56 -2.28 12.79
C VAL A 109 -19.70 -0.76 12.79
N PRO A 110 -19.15 -0.09 11.78
CA PRO A 110 -19.32 1.35 11.70
C PRO A 110 -20.77 1.72 11.37
N VAL A 111 -21.34 2.64 12.14
CA VAL A 111 -22.65 3.12 11.86
C VAL A 111 -22.74 3.76 10.50
N GLU A 112 -21.65 4.43 10.08
CA GLU A 112 -21.70 5.25 8.89
C GLU A 112 -21.06 4.64 7.64
N ASP A 113 -20.92 3.31 7.62
CA ASP A 113 -20.68 2.57 6.38
C ASP A 113 -21.95 1.81 6.03
N PRO A 114 -22.64 2.22 4.97
N PRO A 114 -22.61 2.21 4.94
CA PRO A 114 -23.92 1.57 4.67
CA PRO A 114 -23.85 1.64 4.42
C PRO A 114 -23.77 0.10 4.26
C PRO A 114 -23.76 0.13 4.30
N TYR A 115 -22.57 -0.34 3.93
CA TYR A 115 -22.34 -1.75 3.68
C TYR A 115 -22.83 -2.63 4.85
N PHE A 116 -22.70 -2.10 6.06
CA PHE A 116 -22.99 -2.89 7.26
C PHE A 116 -24.36 -2.60 7.86
N ASN A 117 -25.23 -1.93 7.11
CA ASN A 117 -26.52 -1.50 7.66
C ASN A 117 -27.35 -2.63 8.24
N ASP A 118 -27.26 -3.82 7.65
CA ASP A 118 -28.04 -4.95 8.16
C ASP A 118 -27.26 -5.89 9.06
N TRP A 119 -26.08 -5.46 9.47
CA TRP A 119 -25.36 -6.19 10.52
C TRP A 119 -25.74 -5.62 11.87
N LYS A 120 -26.52 -6.39 12.62
CA LYS A 120 -27.04 -5.97 13.92
C LYS A 120 -26.80 -6.96 15.02
N ASP A 121 -26.42 -8.20 14.67
CA ASP A 121 -26.20 -9.20 15.69
C ASP A 121 -25.18 -10.19 15.18
N ILE A 122 -24.76 -11.06 16.07
CA ILE A 122 -23.65 -11.93 15.80
C ILE A 122 -23.98 -12.89 14.65
N SER A 123 -25.26 -13.21 14.47
CA SER A 123 -25.70 -14.09 13.40
C SER A 123 -25.57 -13.48 12.00
N ASP A 124 -25.32 -12.18 11.91
CA ASP A 124 -25.16 -11.50 10.63
C ASP A 124 -23.74 -11.59 10.09
N VAL A 125 -22.82 -12.11 10.90
CA VAL A 125 -21.41 -12.19 10.51
C VAL A 125 -21.10 -13.56 9.89
N PRO A 126 -20.38 -13.61 8.75
CA PRO A 126 -20.04 -14.93 8.23
C PRO A 126 -19.28 -15.77 9.23
N LYS A 127 -19.65 -17.04 9.32
CA LYS A 127 -19.05 -17.93 10.29
C LYS A 127 -17.53 -17.97 10.12
N ALA A 128 -17.05 -17.99 8.88
CA ALA A 128 -15.60 -18.09 8.69
C ALA A 128 -14.88 -16.85 9.22
N PHE A 129 -15.55 -15.71 9.17
CA PHE A 129 -14.94 -14.48 9.68
C PHE A 129 -14.83 -14.51 11.22
N LEU A 130 -15.86 -14.95 11.92
CA LEU A 130 -15.76 -15.12 13.35
C LEU A 130 -14.67 -16.13 13.66
N ASP A 131 -14.58 -17.20 12.86
CA ASP A 131 -13.55 -18.20 13.11
C ASP A 131 -12.16 -17.61 12.91
N GLU A 132 -11.99 -16.74 11.91
CA GLU A 132 -10.67 -16.17 11.67
C GLU A 132 -10.24 -15.25 12.80
N ILE A 133 -11.18 -14.48 13.34
CA ILE A 133 -10.84 -13.58 14.43
C ILE A 133 -10.48 -14.38 15.68
N ALA A 134 -11.28 -15.39 15.99
CA ALA A 134 -10.97 -16.22 17.15
C ALA A 134 -9.61 -16.89 17.00
N HIS A 135 -9.30 -17.37 15.79
CA HIS A 135 -8.04 -18.04 15.57
C HIS A 135 -6.85 -17.10 15.77
N PHE A 136 -6.98 -15.86 15.30
CA PHE A 136 -5.96 -14.87 15.53
C PHE A 136 -5.67 -14.71 17.02
N PHE A 137 -6.71 -14.54 17.82
CA PHE A 137 -6.47 -14.41 19.26
C PHE A 137 -5.97 -15.69 19.92
N GLN A 138 -6.38 -16.83 19.39
CA GLN A 138 -5.94 -18.12 19.92
C GLN A 138 -4.42 -18.32 19.72
N ARG A 139 -3.89 -17.83 18.60
CA ARG A 139 -2.53 -18.18 18.22
C ARG A 139 -1.52 -17.03 18.14
N TYR A 140 -1.96 -15.77 18.19
CA TYR A 140 -1.02 -14.69 17.91
C TYR A 140 0.09 -14.49 18.90
N LYS A 141 -0.11 -14.99 20.12
CA LYS A 141 0.94 -14.95 21.13
C LYS A 141 1.53 -16.33 21.44
N GLU A 142 1.30 -17.31 20.57
CA GLU A 142 1.79 -18.64 20.83
C GLU A 142 3.31 -18.65 20.98
N LEU A 143 4.00 -17.87 20.17
CA LEU A 143 5.46 -17.86 20.23
C LEU A 143 5.99 -17.09 21.43
N GLN A 144 5.11 -16.41 22.15
CA GLN A 144 5.47 -15.77 23.41
C GLN A 144 5.11 -16.63 24.60
N GLY A 145 4.72 -17.88 24.36
CA GLY A 145 4.51 -18.83 25.43
C GLY A 145 3.18 -18.64 26.12
N LYS A 146 2.29 -17.88 25.51
CA LYS A 146 0.99 -17.65 26.09
C LYS A 146 0.02 -18.63 25.50
N THR A 147 -0.97 -18.99 26.30
CA THR A 147 -2.08 -19.73 25.77
C THR A 147 -3.36 -19.03 26.18
N THR A 148 -4.22 -18.84 25.21
CA THR A 148 -5.43 -18.09 25.37
C THR A 148 -6.57 -19.08 25.15
N LYS A 149 -7.66 -18.91 25.88
N LYS A 149 -7.69 -18.91 25.86
CA LYS A 149 -8.84 -19.74 25.70
CA LYS A 149 -8.83 -19.80 25.68
C LYS A 149 -9.93 -18.90 25.08
C LYS A 149 -10.05 -19.04 25.17
N ILE A 150 -10.45 -19.34 23.93
CA ILE A 150 -11.59 -18.68 23.32
C ILE A 150 -12.83 -19.46 23.67
N GLU A 151 -13.72 -18.84 24.43
CA GLU A 151 -14.91 -19.49 24.91
C GLU A 151 -16.02 -19.55 23.88
N GLY A 152 -16.12 -18.52 23.06
N GLY A 152 -16.11 -18.54 23.03
CA GLY A 152 -17.17 -18.42 22.06
CA GLY A 152 -17.18 -18.44 22.07
C GLY A 152 -17.55 -16.97 21.79
C GLY A 152 -17.60 -16.98 21.89
N TRP A 153 -18.73 -16.78 21.22
CA TRP A 153 -19.22 -15.45 20.90
C TRP A 153 -20.57 -15.23 21.55
N GLY A 154 -20.72 -14.07 22.18
CA GLY A 154 -21.98 -13.61 22.71
C GLY A 154 -22.65 -12.66 21.74
N ASN A 155 -23.94 -12.45 21.95
CA ASN A 155 -24.74 -11.65 21.04
C ASN A 155 -24.69 -10.16 21.37
N ALA A 156 -25.42 -9.38 20.58
CA ALA A 156 -25.38 -7.94 20.69
C ALA A 156 -25.87 -7.49 22.05
N GLU A 157 -26.91 -8.14 22.59
CA GLU A 157 -27.42 -7.78 23.92
C GLU A 157 -26.35 -7.98 24.98
N GLU A 158 -25.64 -9.10 24.90
N GLU A 158 -25.65 -9.11 24.92
CA GLU A 158 -24.58 -9.39 25.87
CA GLU A 158 -24.59 -9.37 25.87
C GLU A 158 -23.43 -8.38 25.74
C GLU A 158 -23.54 -8.28 25.74
N ALA A 159 -23.13 -7.98 24.52
CA ALA A 159 -22.06 -7.01 24.31
C ALA A 159 -22.43 -5.68 24.95
N LYS A 160 -23.65 -5.25 24.73
CA LYS A 160 -24.09 -3.97 25.23
C LYS A 160 -24.15 -3.93 26.76
N ARG A 161 -24.57 -5.01 27.39
CA ARG A 161 -24.50 -5.08 28.86
C ARG A 161 -23.07 -4.94 29.38
N GLU A 162 -22.13 -5.57 28.70
CA GLU A 162 -20.76 -5.52 29.16
C GLU A 162 -20.22 -4.11 28.99
N ILE A 163 -20.63 -3.40 27.93
CA ILE A 163 -20.18 -2.03 27.72
C ILE A 163 -20.65 -1.18 28.91
N LEU A 164 -21.91 -1.33 29.28
CA LEU A 164 -22.41 -0.52 30.41
C LEU A 164 -21.67 -0.89 31.71
N ARG A 165 -21.41 -2.18 31.91
N ARG A 165 -21.36 -2.17 31.87
CA ARG A 165 -20.66 -2.61 33.09
CA ARG A 165 -20.65 -2.62 33.09
C ARG A 165 -19.25 -1.99 33.14
C ARG A 165 -19.20 -2.13 33.15
N ALA A 166 -18.59 -1.94 31.99
CA ALA A 166 -17.24 -1.40 31.89
C ALA A 166 -17.22 0.13 32.11
N ILE A 167 -18.26 0.81 31.63
CA ILE A 167 -18.37 2.24 31.88
C ILE A 167 -18.45 2.47 33.39
N GLU A 168 -19.21 1.63 34.09
CA GLU A 168 -19.28 1.69 35.54
C GLU A 168 -17.95 1.33 36.25
N MSE A 169 -17.26 0.31 35.75
N MSE A 169 -17.28 0.28 35.79
CA MSE A 169 -15.95 -0.07 36.30
CA MSE A 169 -15.97 -0.06 36.38
C MSE A 169 -14.95 1.08 36.23
C MSE A 169 -15.02 1.15 36.28
O MSE A 169 -14.09 1.24 37.10
O MSE A 169 -14.28 1.42 37.22
CB MSE A 169 -15.37 -1.26 35.53
CB MSE A 169 -15.37 -1.30 35.74
CG MSE A 169 -15.18 -2.50 36.36
CG MSE A 169 -16.06 -2.61 36.10
SE MSE A 169 -16.53 -3.81 35.92
SE MSE A 169 -15.12 -4.25 35.56
CE MSE A 169 -16.00 -4.20 34.08
CE MSE A 169 -13.43 -3.64 36.17
N TYR A 170 -15.03 1.86 35.17
CA TYR A 170 -14.17 3.03 35.00
C TYR A 170 -14.44 4.09 36.06
N LYS A 171 -15.72 4.37 36.30
CA LYS A 171 -16.10 5.33 37.32
C LYS A 171 -15.61 4.91 38.71
N GLU A 172 -15.67 3.62 38.99
CA GLU A 172 -15.19 3.15 40.29
C GLU A 172 -13.67 3.28 40.42
N LYS A 173 -12.98 2.93 39.35
CA LYS A 173 -11.54 2.96 39.30
C LYS A 173 -10.97 4.39 39.37
N PHE A 174 -11.54 5.29 38.56
CA PHE A 174 -10.99 6.63 38.36
C PHE A 174 -11.85 7.77 38.93
N GLY A 175 -13.14 7.50 39.12
CA GLY A 175 -14.07 8.52 39.57
C GLY A 175 -13.68 9.11 40.92
N MSE B 1 4.08 -22.11 -22.94
CA MSE B 1 4.50 -23.20 -22.02
C MSE B 1 4.46 -22.69 -20.57
O MSE B 1 4.68 -21.52 -20.31
CB MSE B 1 5.92 -23.68 -22.36
CG MSE B 1 6.34 -24.95 -21.60
SE MSE B 1 8.11 -25.66 -22.11
CE MSE B 1 8.32 -24.76 -23.83
N ASN B 2 4.11 -23.58 -19.67
CA ASN B 2 4.15 -23.31 -18.25
C ASN B 2 5.60 -23.04 -17.87
N PRO B 3 5.86 -21.89 -17.23
CA PRO B 3 7.25 -21.57 -16.88
C PRO B 3 7.94 -22.58 -15.96
N PHE B 4 7.18 -23.36 -15.20
N PHE B 4 7.17 -23.33 -15.17
CA PHE B 4 7.79 -24.35 -14.34
CA PHE B 4 7.71 -24.40 -14.35
C PHE B 4 8.44 -25.47 -15.16
C PHE B 4 8.50 -25.38 -15.21
N HIS B 5 7.95 -25.69 -16.39
CA HIS B 5 8.57 -26.61 -17.31
C HIS B 5 9.60 -25.93 -18.21
N GLU B 6 9.39 -24.66 -18.53
CA GLU B 6 10.23 -24.00 -19.52
C GLU B 6 11.56 -23.48 -18.96
N LEU B 7 11.55 -22.92 -17.77
CA LEU B 7 12.76 -22.35 -17.19
C LEU B 7 13.69 -23.46 -16.69
N GLU B 8 15.00 -23.20 -16.69
CA GLU B 8 15.96 -24.09 -16.08
C GLU B 8 15.90 -23.97 -14.56
N PRO B 9 16.40 -25.00 -13.85
N PRO B 9 16.40 -24.99 -13.85
CA PRO B 9 16.39 -24.89 -12.38
CA PRO B 9 16.33 -24.85 -12.39
C PRO B 9 17.21 -23.75 -11.82
C PRO B 9 17.12 -23.64 -11.90
N GLY B 10 18.24 -23.33 -12.53
CA GLY B 10 19.04 -22.21 -12.08
C GLY B 10 20.25 -22.01 -12.96
N PRO B 11 20.93 -20.88 -12.75
CA PRO B 11 22.12 -20.55 -13.55
C PRO B 11 23.39 -21.19 -13.04
N GLU B 12 23.43 -21.65 -11.80
CA GLU B 12 24.62 -22.29 -11.26
C GLU B 12 24.21 -23.24 -10.14
N VAL B 13 23.40 -24.23 -10.47
CA VAL B 13 22.83 -25.04 -9.40
C VAL B 13 23.92 -25.86 -8.72
N PRO B 14 23.80 -26.11 -7.40
CA PRO B 14 22.77 -25.67 -6.48
C PRO B 14 23.15 -24.40 -5.72
N GLU B 15 24.26 -23.76 -6.12
CA GLU B 15 24.73 -22.57 -5.46
C GLU B 15 23.83 -21.36 -5.74
N VAL B 16 23.34 -21.26 -6.97
CA VAL B 16 22.38 -20.23 -7.34
C VAL B 16 21.28 -20.93 -8.13
N VAL B 17 20.05 -20.80 -7.66
CA VAL B 17 18.90 -21.37 -8.32
C VAL B 17 17.97 -20.25 -8.76
N TYR B 18 17.04 -20.57 -9.65
CA TYR B 18 15.93 -19.69 -9.92
C TYR B 18 14.77 -20.01 -9.00
N ALA B 19 14.26 -18.98 -8.34
CA ALA B 19 13.01 -19.08 -7.63
C ALA B 19 11.97 -18.41 -8.50
N LEU B 20 10.96 -19.17 -8.91
N LEU B 20 10.94 -19.15 -8.89
CA LEU B 20 9.82 -18.64 -9.62
CA LEU B 20 9.81 -18.61 -9.66
C LEU B 20 8.79 -18.32 -8.54
C LEU B 20 8.68 -18.30 -8.69
N ILE B 21 8.59 -17.04 -8.29
CA ILE B 21 7.71 -16.65 -7.21
C ILE B 21 6.26 -16.73 -7.62
N GLU B 22 5.44 -17.28 -6.73
N GLU B 22 5.47 -17.39 -6.77
CA GLU B 22 4.00 -17.35 -6.95
CA GLU B 22 4.03 -17.44 -6.89
C GLU B 22 3.22 -16.54 -5.92
C GLU B 22 3.31 -16.44 -5.98
N ILE B 23 3.82 -16.28 -4.76
CA ILE B 23 3.13 -15.56 -3.71
C ILE B 23 4.08 -14.52 -3.10
N PRO B 24 3.77 -13.24 -3.29
CA PRO B 24 4.60 -12.20 -2.66
C PRO B 24 4.48 -12.24 -1.14
N LYS B 25 5.55 -11.88 -0.47
CA LYS B 25 5.48 -11.60 0.96
C LYS B 25 4.37 -10.62 1.22
N GLY B 26 3.57 -10.87 2.25
CA GLY B 26 2.47 -9.98 2.63
C GLY B 26 1.12 -10.40 2.12
N SER B 27 1.06 -11.39 1.22
N SER B 27 1.05 -11.43 1.28
CA SER B 27 -0.20 -11.88 0.69
CA SER B 27 -0.22 -11.85 0.70
C SER B 27 -0.92 -12.77 1.70
C SER B 27 -0.96 -12.88 1.55
N ARG B 28 -2.24 -12.62 1.76
CA ARG B 28 -3.14 -13.61 2.38
C ARG B 28 -3.77 -14.52 1.30
N ASN B 29 -3.77 -14.06 0.06
CA ASN B 29 -4.19 -14.91 -1.05
C ASN B 29 -3.07 -15.88 -1.37
N LYS B 30 -3.42 -17.16 -1.44
CA LYS B 30 -2.48 -18.22 -1.75
C LYS B 30 -2.63 -18.56 -3.22
N TYR B 31 -1.59 -18.25 -3.99
CA TYR B 31 -1.59 -18.47 -5.44
C TYR B 31 -0.80 -19.72 -5.79
N GLU B 32 -1.12 -20.28 -6.95
CA GLU B 32 -0.45 -21.41 -7.54
C GLU B 32 -0.45 -21.19 -9.04
N LEU B 33 0.05 -22.16 -9.79
CA LEU B 33 0.03 -22.09 -11.25
C LEU B 33 -1.03 -23.02 -11.82
N ASP B 34 -1.76 -22.56 -12.82
CA ASP B 34 -2.61 -23.45 -13.61
C ASP B 34 -1.68 -24.43 -14.32
N LYS B 35 -1.95 -25.71 -14.19
CA LYS B 35 -1.07 -26.70 -14.76
C LYS B 35 -0.91 -26.55 -16.28
N LYS B 36 -2.01 -26.48 -17.03
CA LYS B 36 -1.88 -26.44 -18.49
C LYS B 36 -1.18 -25.18 -19.00
N THR B 37 -1.59 -24.02 -18.50
CA THR B 37 -1.18 -22.74 -19.10
C THR B 37 -0.05 -22.07 -18.37
N GLY B 38 0.06 -22.36 -17.10
CA GLY B 38 1.03 -21.67 -16.28
C GLY B 38 0.60 -20.27 -15.83
N LEU B 39 -0.67 -19.93 -16.03
N LEU B 39 -0.66 -19.88 -16.08
CA LEU B 39 -1.23 -18.71 -15.48
CA LEU B 39 -1.15 -18.64 -15.50
C LEU B 39 -1.33 -18.77 -13.96
C LEU B 39 -1.13 -18.78 -13.98
N LEU B 40 -1.12 -17.64 -13.31
CA LEU B 40 -1.36 -17.59 -11.87
C LEU B 40 -2.83 -17.92 -11.60
N LYS B 41 -3.05 -18.64 -10.52
CA LYS B 41 -4.38 -19.03 -10.10
C LYS B 41 -4.52 -18.89 -8.59
N LEU B 42 -5.68 -18.45 -8.14
CA LEU B 42 -5.95 -18.44 -6.72
C LEU B 42 -6.23 -19.88 -6.24
N ASP B 43 -5.37 -20.41 -5.37
CA ASP B 43 -5.63 -21.71 -4.75
C ASP B 43 -6.71 -21.54 -3.67
N ARG B 44 -6.47 -20.61 -2.75
CA ARG B 44 -7.42 -20.31 -1.70
C ARG B 44 -7.06 -18.96 -1.09
N VAL B 45 -7.99 -18.40 -0.33
CA VAL B 45 -7.69 -17.33 0.60
C VAL B 45 -7.43 -18.00 1.94
N LEU B 46 -6.30 -17.70 2.59
CA LEU B 46 -6.02 -18.37 3.86
C LEU B 46 -7.17 -18.15 4.82
N TYR B 47 -7.50 -19.17 5.63
CA TYR B 47 -8.68 -19.13 6.48
C TYR B 47 -8.46 -18.26 7.70
N SER B 48 -7.22 -17.87 7.95
CA SER B 48 -6.81 -17.08 9.11
C SER B 48 -6.13 -15.84 8.57
N PRO B 49 -6.06 -14.77 9.40
CA PRO B 49 -5.43 -13.51 8.95
C PRO B 49 -3.92 -13.56 9.13
N PHE B 50 -3.33 -14.41 8.32
N PHE B 50 -3.34 -14.56 8.46
CA PHE B 50 -1.92 -14.60 8.29
CA PHE B 50 -1.90 -14.70 8.26
C PHE B 50 -1.51 -14.15 6.91
C PHE B 50 -1.54 -14.06 6.94
N PHE B 51 -0.26 -13.77 6.77
CA PHE B 51 0.26 -13.43 5.48
C PHE B 51 1.57 -14.17 5.29
N TYR B 52 1.89 -14.41 4.03
CA TYR B 52 3.13 -15.09 3.75
C TYR B 52 4.30 -14.26 4.26
N PRO B 53 5.23 -14.88 5.02
CA PRO B 53 6.33 -14.11 5.62
C PRO B 53 7.54 -13.96 4.69
N VAL B 54 7.47 -14.62 3.55
CA VAL B 54 8.56 -14.70 2.57
C VAL B 54 7.93 -14.61 1.19
N ASP B 55 8.72 -14.30 0.18
CA ASP B 55 8.29 -14.49 -1.20
C ASP B 55 8.39 -16.00 -1.46
N TYR B 56 7.30 -16.59 -1.94
CA TYR B 56 7.14 -18.04 -1.95
C TYR B 56 6.93 -18.52 -3.37
N GLY B 57 7.62 -19.58 -3.75
CA GLY B 57 7.40 -20.14 -5.07
C GLY B 57 8.06 -21.48 -5.22
N ILE B 58 8.47 -21.78 -6.45
CA ILE B 58 8.99 -23.09 -6.78
C ILE B 58 10.28 -22.95 -7.56
N ILE B 59 11.09 -24.00 -7.53
CA ILE B 59 12.25 -24.08 -8.39
C ILE B 59 11.85 -24.79 -9.70
N PRO B 60 12.06 -24.17 -10.87
CA PRO B 60 11.64 -24.83 -12.11
C PRO B 60 12.33 -26.17 -12.30
N GLN B 61 11.63 -27.07 -13.00
N GLN B 61 11.61 -27.09 -12.94
CA GLN B 61 12.19 -28.35 -13.36
CA GLN B 61 12.17 -28.37 -13.35
C GLN B 61 12.75 -29.03 -12.12
C GLN B 61 12.65 -29.20 -12.17
N THR B 62 11.92 -29.07 -11.07
CA THR B 62 12.14 -29.89 -9.92
C THR B 62 10.89 -30.68 -9.55
N TRP B 63 11.08 -31.75 -8.81
CA TRP B 63 9.95 -32.54 -8.29
C TRP B 63 10.38 -33.07 -6.94
N TYR B 64 9.45 -33.32 -6.05
CA TYR B 64 9.79 -33.73 -4.69
C TYR B 64 8.88 -34.89 -4.25
N ASP B 65 9.15 -35.39 -3.04
N ASP B 65 9.12 -35.40 -3.04
CA ASP B 65 8.56 -36.64 -2.54
CA ASP B 65 8.55 -36.67 -2.57
C ASP B 65 7.03 -36.61 -2.51
C ASP B 65 7.05 -36.64 -2.30
N ASP B 66 6.48 -35.44 -2.22
CA ASP B 66 5.07 -35.27 -2.01
C ASP B 66 4.32 -35.09 -3.33
N GLY B 67 5.00 -35.26 -4.46
CA GLY B 67 4.33 -35.23 -5.75
C GLY B 67 4.05 -33.82 -6.23
N ASP B 68 5.02 -32.93 -6.05
CA ASP B 68 4.87 -31.53 -6.43
C ASP B 68 6.25 -30.93 -6.72
N PRO B 69 6.27 -29.77 -7.38
CA PRO B 69 7.53 -29.03 -7.50
C PRO B 69 8.20 -28.79 -6.15
N PHE B 70 9.50 -28.58 -6.14
CA PHE B 70 10.21 -28.24 -4.89
C PHE B 70 9.99 -26.77 -4.55
N ASP B 71 9.46 -26.53 -3.36
CA ASP B 71 9.17 -25.17 -2.93
C ASP B 71 10.38 -24.43 -2.41
N ILE B 72 10.37 -23.13 -2.63
CA ILE B 72 11.44 -22.25 -2.20
C ILE B 72 10.85 -20.97 -1.62
N MSE B 73 11.48 -20.52 -0.55
CA MSE B 73 11.11 -19.33 0.18
C MSE B 73 12.28 -18.36 0.08
O MSE B 73 13.37 -18.67 0.51
CB MSE B 73 10.92 -19.73 1.66
CG MSE B 73 9.89 -20.82 1.88
SE MSE B 73 9.56 -21.37 3.68
CE MSE B 73 11.31 -22.02 4.06
N VAL B 74 12.03 -17.19 -0.50
CA VAL B 74 13.07 -16.19 -0.69
C VAL B 74 12.80 -15.02 0.24
N ILE B 75 13.83 -14.59 0.97
N ILE B 75 13.75 -14.79 1.12
CA ILE B 75 13.72 -13.43 1.84
CA ILE B 75 13.69 -13.68 2.05
C ILE B 75 13.98 -12.15 1.05
C ILE B 75 13.93 -12.42 1.26
N MSE B 76 12.91 -11.43 0.74
N MSE B 76 13.04 -11.45 1.41
CA MSE B 76 13.03 -10.12 0.14
CA MSE B 76 13.08 -10.26 0.57
C MSE B 76 12.64 -9.04 1.16
C MSE B 76 12.60 -9.00 1.24
O MSE B 76 11.81 -9.26 2.03
O MSE B 76 11.54 -8.98 1.86
CB MSE B 76 12.13 -10.08 -1.09
CB MSE B 76 12.16 -10.43 -0.63
CG MSE B 76 12.57 -11.02 -2.18
CG MSE B 76 12.26 -11.76 -1.29
SE MSE B 76 14.20 -10.41 -3.04
SE MSE B 76 12.22 -11.42 -3.16
CE MSE B 76 13.49 -8.85 -3.99
CE MSE B 76 13.94 -10.50 -3.29
N ARG B 77 13.30 -7.91 1.06
CA ARG B 77 12.90 -6.69 1.74
C ARG B 77 11.63 -6.11 1.13
N GLU B 78 11.64 -5.88 -0.18
CA GLU B 78 10.47 -5.41 -0.94
C GLU B 78 9.98 -6.64 -1.72
N PRO B 79 8.70 -7.01 -1.55
N PRO B 79 8.68 -7.00 -1.60
CA PRO B 79 8.17 -8.16 -2.30
CA PRO B 79 8.25 -8.21 -2.32
C PRO B 79 8.30 -8.00 -3.84
C PRO B 79 8.19 -8.04 -3.83
N VAL B 80 8.40 -9.12 -4.55
CA VAL B 80 8.28 -9.10 -5.99
C VAL B 80 6.85 -9.39 -6.42
N TYR B 81 6.60 -9.36 -7.71
CA TYR B 81 5.30 -9.69 -8.28
C TYR B 81 5.22 -11.16 -8.57
N PRO B 82 4.03 -11.74 -8.58
CA PRO B 82 3.95 -13.15 -8.97
C PRO B 82 4.48 -13.32 -10.37
N LEU B 83 5.11 -14.47 -10.58
CA LEU B 83 5.74 -14.89 -11.83
C LEU B 83 7.05 -14.19 -12.11
N THR B 84 7.67 -13.61 -11.07
CA THR B 84 9.00 -13.05 -11.17
C THR B 84 10.04 -14.11 -10.81
N ILE B 85 11.10 -14.16 -11.61
CA ILE B 85 12.23 -14.99 -11.32
C ILE B 85 13.26 -14.25 -10.44
N ILE B 86 13.72 -14.89 -9.38
CA ILE B 86 14.77 -14.36 -8.52
C ILE B 86 15.93 -15.34 -8.55
N GLU B 87 17.13 -14.86 -8.82
CA GLU B 87 18.34 -15.65 -8.60
C GLU B 87 18.64 -15.73 -7.12
N ALA B 88 18.62 -16.93 -6.58
CA ALA B 88 18.57 -17.14 -5.14
C ALA B 88 19.65 -18.07 -4.67
N ARG B 89 20.27 -17.73 -3.54
CA ARG B 89 21.26 -18.55 -2.87
C ARG B 89 20.59 -19.33 -1.75
N PRO B 90 20.57 -20.67 -1.85
CA PRO B 90 20.00 -21.46 -0.75
C PRO B 90 20.84 -21.33 0.50
N ILE B 91 20.20 -21.14 1.65
CA ILE B 91 20.90 -21.04 2.93
C ILE B 91 20.45 -22.03 3.98
N GLY B 92 19.39 -22.77 3.69
CA GLY B 92 18.87 -23.72 4.65
C GLY B 92 17.61 -24.34 4.13
N ILE B 93 16.99 -25.16 4.97
N ILE B 93 17.00 -25.16 4.97
CA ILE B 93 15.82 -25.91 4.52
CA ILE B 93 15.78 -25.79 4.57
C ILE B 93 14.89 -26.21 5.69
C ILE B 93 14.89 -25.90 5.79
N MSE B 94 13.60 -25.91 5.53
CA MSE B 94 12.60 -26.16 6.56
C MSE B 94 12.08 -27.57 6.38
O MSE B 94 11.61 -27.93 5.32
CB MSE B 94 11.48 -25.15 6.42
CG MSE B 94 10.49 -25.23 7.55
SE MSE B 94 9.02 -23.99 7.35
CE MSE B 94 8.15 -24.81 5.81
N LYS B 95 12.20 -28.39 7.42
CA LYS B 95 11.80 -29.80 7.31
C LYS B 95 10.35 -30.02 7.78
N MSE B 96 9.49 -30.42 6.83
N MSE B 96 9.55 -30.68 6.94
CA MSE B 96 8.02 -30.39 6.94
CA MSE B 96 8.17 -31.06 7.29
C MSE B 96 7.50 -31.62 6.17
C MSE B 96 7.67 -32.15 6.34
O MSE B 96 7.96 -31.86 5.08
O MSE B 96 8.23 -32.34 5.26
CB MSE B 96 7.46 -29.09 6.30
CB MSE B 96 7.24 -29.86 7.23
CG MSE B 96 6.08 -28.57 6.81
CG MSE B 96 7.32 -29.05 5.93
SE MSE B 96 5.20 -27.18 5.66
SE MSE B 96 5.76 -27.93 5.69
CE MSE B 96 4.75 -28.33 4.16
CE MSE B 96 4.47 -29.28 5.18
N GLU B 97 6.57 -32.39 6.73
N GLU B 97 6.63 -32.88 6.73
CA GLU B 97 6.07 -33.61 6.05
CA GLU B 97 5.98 -33.85 5.87
C GLU B 97 4.61 -33.50 5.58
C GLU B 97 4.58 -33.38 5.54
N ASP B 101 4.88 -37.90 3.20
CA ASP B 101 5.98 -37.68 2.27
C ASP B 101 6.72 -36.41 2.67
N LYS B 102 8.03 -36.41 2.53
CA LYS B 102 8.84 -35.21 2.75
C LYS B 102 8.26 -34.06 1.92
N ASP B 103 8.11 -32.90 2.55
CA ASP B 103 7.55 -31.69 1.94
C ASP B 103 8.38 -30.48 2.36
N TRP B 104 9.68 -30.69 2.38
CA TRP B 104 10.63 -29.74 2.88
C TRP B 104 10.65 -28.56 1.92
N LYS B 105 11.07 -27.40 2.41
CA LYS B 105 11.06 -26.18 1.60
C LYS B 105 12.39 -25.47 1.76
N VAL B 106 12.98 -25.07 0.64
CA VAL B 106 14.27 -24.37 0.68
C VAL B 106 14.08 -22.95 1.20
N LEU B 107 15.01 -22.50 2.02
CA LEU B 107 15.11 -21.10 2.44
C LEU B 107 16.28 -20.48 1.68
N ALA B 108 16.06 -19.31 1.10
CA ALA B 108 17.08 -18.69 0.25
C ALA B 108 17.04 -17.18 0.36
N VAL B 109 18.12 -16.53 -0.09
CA VAL B 109 18.20 -15.08 -0.14
C VAL B 109 18.53 -14.68 -1.60
N PRO B 110 18.15 -13.45 -1.99
CA PRO B 110 18.48 -12.99 -3.33
C PRO B 110 19.97 -12.73 -3.46
N VAL B 111 20.57 -13.24 -4.52
N VAL B 111 20.59 -13.19 -4.54
CA VAL B 111 21.95 -12.97 -4.80
CA VAL B 111 22.00 -12.94 -4.70
C VAL B 111 22.18 -11.47 -4.91
C VAL B 111 22.28 -11.49 -5.12
N GLU B 112 21.26 -10.76 -5.58
CA GLU B 112 21.47 -9.38 -5.99
C GLU B 112 20.87 -8.32 -5.07
N ASP B 113 20.64 -8.65 -3.81
CA ASP B 113 20.41 -7.65 -2.77
C ASP B 113 21.60 -7.68 -1.82
N PRO B 114 22.42 -6.63 -1.82
N PRO B 114 22.40 -6.61 -1.82
CA PRO B 114 23.64 -6.66 -1.01
CA PRO B 114 23.61 -6.49 -1.00
C PRO B 114 23.36 -6.71 0.51
C PRO B 114 23.33 -6.75 0.47
N TYR B 115 22.14 -6.37 0.91
CA TYR B 115 21.76 -6.52 2.29
C TYR B 115 22.04 -7.92 2.84
N PHE B 116 21.87 -8.93 1.97
CA PHE B 116 21.98 -10.31 2.37
C PHE B 116 23.34 -10.95 2.05
N ASN B 117 24.33 -10.15 1.70
CA ASN B 117 25.61 -10.69 1.23
C ASN B 117 26.25 -11.64 2.21
N ASP B 118 26.06 -11.43 3.51
CA ASP B 118 26.64 -12.29 4.54
C ASP B 118 25.68 -13.33 5.09
N TRP B 119 24.53 -13.48 4.44
CA TRP B 119 23.65 -14.60 4.76
C TRP B 119 24.00 -15.77 3.86
N LYS B 120 24.64 -16.77 4.47
CA LYS B 120 25.11 -17.93 3.72
C LYS B 120 24.70 -19.26 4.32
N ASP B 121 24.20 -19.26 5.55
CA ASP B 121 23.81 -20.50 6.20
C ASP B 121 22.72 -20.16 7.18
N ILE B 122 22.12 -21.20 7.70
CA ILE B 122 20.95 -21.09 8.53
C ILE B 122 21.28 -20.32 9.83
N SER B 123 22.54 -20.38 10.30
CA SER B 123 22.96 -19.64 11.47
C SER B 123 23.02 -18.15 11.28
N ASP B 124 22.91 -17.67 10.05
CA ASP B 124 22.89 -16.23 9.78
C ASP B 124 21.51 -15.59 9.92
N VAL B 125 20.48 -16.40 10.10
CA VAL B 125 19.10 -15.92 10.15
C VAL B 125 18.70 -15.70 11.61
N PRO B 126 18.06 -14.56 11.92
CA PRO B 126 17.61 -14.38 13.32
C PRO B 126 16.70 -15.53 13.74
N LYS B 127 16.92 -16.01 14.95
CA LYS B 127 16.12 -17.12 15.44
CA LYS B 127 16.12 -17.10 15.49
C LYS B 127 14.63 -16.81 15.42
N ALA B 128 14.23 -15.60 15.79
CA ALA B 128 12.81 -15.28 15.80
C ALA B 128 12.20 -15.34 14.41
N PHE B 129 13.01 -15.07 13.39
CA PHE B 129 12.51 -15.13 12.03
C PHE B 129 12.29 -16.57 11.60
N LEU B 130 13.21 -17.47 11.90
CA LEU B 130 12.96 -18.88 11.64
C LEU B 130 11.71 -19.35 12.39
N ASP B 131 11.54 -18.89 13.63
CA ASP B 131 10.40 -19.29 14.41
C ASP B 131 9.10 -18.80 13.76
N GLU B 132 9.12 -17.59 13.23
CA GLU B 132 7.90 -17.02 12.63
C GLU B 132 7.50 -17.78 11.38
N ILE B 133 8.49 -18.19 10.58
CA ILE B 133 8.18 -18.91 9.37
C ILE B 133 7.61 -20.28 9.72
N ALA B 134 8.26 -20.97 10.67
CA ALA B 134 7.79 -22.29 11.06
C ALA B 134 6.36 -22.18 11.61
N HIS B 135 6.09 -21.16 12.43
CA HIS B 135 4.78 -21.03 13.04
C HIS B 135 3.68 -20.81 11.98
N PHE B 136 4.00 -20.01 10.97
CA PHE B 136 3.12 -19.82 9.83
C PHE B 136 2.73 -21.14 9.20
N PHE B 137 3.71 -21.98 8.87
CA PHE B 137 3.39 -23.26 8.27
C PHE B 137 2.72 -24.23 9.24
N GLN B 138 3.01 -24.12 10.53
CA GLN B 138 2.37 -24.96 11.51
C GLN B 138 0.89 -24.67 11.66
N ARG B 139 0.50 -23.40 11.53
CA ARG B 139 -0.85 -23.00 11.91
C ARG B 139 -1.73 -22.47 10.77
N TYR B 140 -1.19 -22.17 9.59
CA TYR B 140 -1.99 -21.45 8.61
C TYR B 140 -3.14 -22.25 8.01
N LYS B 141 -3.09 -23.58 8.13
CA LYS B 141 -4.22 -24.41 7.70
C LYS B 141 -4.99 -25.03 8.85
N GLU B 142 -4.78 -24.51 10.05
CA GLU B 142 -5.44 -25.10 11.22
C GLU B 142 -6.95 -25.10 11.11
N LEU B 143 -7.52 -24.02 10.57
CA LEU B 143 -8.98 -23.95 10.41
C LEU B 143 -9.51 -24.80 9.28
N GLN B 144 -8.62 -25.40 8.51
CA GLN B 144 -9.03 -26.34 7.49
C GLN B 144 -8.87 -27.79 7.96
N GLY B 145 -8.54 -27.97 9.23
CA GLY B 145 -8.45 -29.30 9.81
C GLY B 145 -7.13 -30.01 9.60
N LYS B 146 -6.09 -29.27 9.21
CA LYS B 146 -4.79 -29.86 8.95
C LYS B 146 -3.83 -29.55 10.10
N THR B 147 -2.89 -30.47 10.28
CA THR B 147 -1.85 -30.33 11.24
C THR B 147 -0.58 -30.59 10.46
N THR B 148 0.47 -29.90 10.86
CA THR B 148 1.76 -30.09 10.28
C THR B 148 2.77 -29.94 11.38
N LYS B 149 3.58 -30.96 11.55
CA LYS B 149 4.70 -30.89 12.47
C LYS B 149 5.91 -30.32 11.72
N ILE B 150 6.51 -29.29 12.27
CA ILE B 150 7.75 -28.77 11.73
C ILE B 150 8.88 -29.50 12.45
N GLU B 151 9.71 -30.19 11.68
N GLU B 151 9.68 -30.24 11.71
CA GLU B 151 10.74 -31.07 12.24
CA GLU B 151 10.72 -31.03 12.36
C GLU B 151 12.04 -30.34 12.57
C GLU B 151 11.88 -30.16 12.80
N GLY B 152 12.19 -29.14 12.02
CA GLY B 152 13.34 -28.30 12.30
C GLY B 152 13.91 -27.76 11.01
N TRP B 153 15.12 -27.24 11.09
CA TRP B 153 15.78 -26.56 9.98
C TRP B 153 17.11 -27.25 9.69
N GLY B 154 17.36 -27.52 8.42
CA GLY B 154 18.64 -27.98 7.96
C GLY B 154 19.48 -26.86 7.38
N ASN B 155 20.77 -27.13 7.25
CA ASN B 155 21.71 -26.14 6.81
C ASN B 155 21.84 -26.03 5.31
N ALA B 156 22.69 -25.10 4.87
CA ALA B 156 22.82 -24.81 3.44
C ALA B 156 23.29 -26.03 2.67
N GLU B 157 24.20 -26.80 3.26
CA GLU B 157 24.70 -28.00 2.57
C GLU B 157 23.56 -28.99 2.33
N GLU B 158 22.72 -29.17 3.34
CA GLU B 158 21.60 -30.06 3.21
C GLU B 158 20.62 -29.55 2.15
N ALA B 159 20.34 -28.25 2.17
CA ALA B 159 19.43 -27.68 1.19
C ALA B 159 19.92 -27.91 -0.22
N LYS B 160 21.22 -27.71 -0.44
CA LYS B 160 21.76 -27.86 -1.77
C LYS B 160 21.68 -29.31 -2.27
N ARG B 161 21.94 -30.27 -1.37
N ARG B 161 21.92 -30.26 -1.37
CA ARG B 161 21.75 -31.68 -1.77
CA ARG B 161 21.78 -31.66 -1.72
C ARG B 161 20.33 -31.99 -2.19
C ARG B 161 20.36 -31.96 -2.18
N GLU B 162 19.37 -31.46 -1.44
CA GLU B 162 17.97 -31.74 -1.76
C GLU B 162 17.59 -31.12 -3.08
N ILE B 163 18.13 -29.94 -3.39
CA ILE B 163 17.88 -29.31 -4.69
C ILE B 163 18.35 -30.22 -5.82
N LEU B 164 19.56 -30.76 -5.68
CA LEU B 164 20.07 -31.63 -6.73
C LEU B 164 19.23 -32.92 -6.85
N ARG B 165 18.79 -33.44 -5.70
N ARG B 165 18.80 -33.44 -5.71
CA ARG B 165 17.92 -34.63 -5.69
CA ARG B 165 17.95 -34.61 -5.73
C ARG B 165 16.58 -34.36 -6.36
C ARG B 165 16.66 -34.29 -6.48
N ALA B 166 16.06 -33.14 -6.17
CA ALA B 166 14.79 -32.74 -6.78
C ALA B 166 14.89 -32.51 -8.29
N ILE B 167 16.04 -31.98 -8.74
CA ILE B 167 16.28 -31.81 -10.17
C ILE B 167 16.29 -33.20 -10.83
N GLU B 168 16.90 -34.16 -10.16
CA GLU B 168 16.92 -35.52 -10.67
C GLU B 168 15.52 -36.18 -10.67
N MSE B 169 14.75 -35.94 -9.61
N MSE B 169 14.74 -35.96 -9.63
CA MSE B 169 13.39 -36.48 -9.51
CA MSE B 169 13.39 -36.53 -9.57
C MSE B 169 12.51 -35.99 -10.67
C MSE B 169 12.50 -36.00 -10.69
O MSE B 169 11.69 -36.74 -11.19
O MSE B 169 11.64 -36.71 -11.22
CB MSE B 169 12.74 -36.11 -8.16
CB MSE B 169 12.75 -36.24 -8.22
CG MSE B 169 12.97 -37.15 -7.06
CG MSE B 169 13.39 -37.03 -7.09
SE MSE B 169 11.94 -36.86 -5.40
SE MSE B 169 12.39 -36.92 -5.42
CE MSE B 169 13.05 -35.47 -4.60
CE MSE B 169 10.73 -36.91 -6.25
N TYR B 170 12.69 -34.74 -11.06
CA TYR B 170 11.93 -34.17 -12.18
C TYR B 170 12.27 -34.90 -13.47
N LYS B 171 13.54 -35.16 -13.67
CA LYS B 171 13.94 -35.90 -14.86
C LYS B 171 13.31 -37.29 -14.91
N GLU B 172 13.18 -37.93 -13.76
CA GLU B 172 12.51 -39.26 -13.68
C GLU B 172 11.02 -39.17 -13.97
N LYS B 173 10.35 -38.17 -13.40
CA LYS B 173 8.91 -37.97 -13.54
C LYS B 173 8.50 -37.57 -14.95
N PHE B 174 9.28 -36.67 -15.56
CA PHE B 174 8.86 -36.02 -16.82
C PHE B 174 9.75 -36.39 -18.02
N GLY B 175 10.94 -36.90 -17.76
CA GLY B 175 11.81 -37.36 -18.82
C GLY B 175 12.92 -36.39 -19.14
N MSE C 1 6.49 -16.89 -26.09
CA MSE C 1 7.28 -15.85 -26.80
C MSE C 1 7.58 -14.71 -25.87
O MSE C 1 6.72 -14.27 -25.12
CB MSE C 1 6.50 -15.30 -27.98
CG MSE C 1 6.32 -16.22 -29.15
SE MSE C 1 6.05 -15.17 -30.78
CE MSE C 1 7.59 -14.03 -30.75
N ASN C 2 8.80 -14.22 -25.93
CA ASN C 2 9.19 -13.02 -25.21
C ASN C 2 8.49 -11.81 -25.84
N PRO C 3 7.71 -11.07 -25.02
CA PRO C 3 6.92 -9.98 -25.58
C PRO C 3 7.76 -8.85 -26.21
N PHE C 4 9.01 -8.74 -25.81
N PHE C 4 9.01 -8.73 -25.80
CA PHE C 4 9.93 -7.78 -26.42
CA PHE C 4 9.89 -7.76 -26.43
C PHE C 4 10.16 -8.07 -27.90
C PHE C 4 10.03 -8.06 -27.92
N HIS C 5 10.10 -9.34 -28.27
CA HIS C 5 10.21 -9.74 -29.66
C HIS C 5 8.85 -9.82 -30.36
N GLU C 6 7.80 -10.17 -29.62
CA GLU C 6 6.51 -10.44 -30.24
C GLU C 6 5.68 -9.19 -30.54
N LEU C 7 5.69 -8.22 -29.64
CA LEU C 7 4.89 -7.03 -29.80
C LEU C 7 5.52 -6.11 -30.84
N GLU C 8 4.70 -5.37 -31.57
CA GLU C 8 5.21 -4.31 -32.45
C GLU C 8 5.71 -3.13 -31.64
N PRO C 9 6.57 -2.30 -32.25
CA PRO C 9 7.04 -1.11 -31.51
C PRO C 9 5.93 -0.17 -31.11
N GLY C 10 4.85 -0.10 -31.86
CA GLY C 10 3.78 0.79 -31.49
C GLY C 10 2.69 0.78 -32.55
N PRO C 11 1.54 1.36 -32.22
CA PRO C 11 0.41 1.46 -33.14
C PRO C 11 0.53 2.60 -34.18
N GLU C 12 1.33 3.62 -33.90
CA GLU C 12 1.50 4.74 -34.83
C GLU C 12 2.88 5.37 -34.62
N VAL C 13 3.93 4.60 -34.86
N VAL C 13 3.94 4.61 -34.84
CA VAL C 13 5.29 5.02 -34.59
CA VAL C 13 5.27 5.08 -34.49
C VAL C 13 5.73 6.18 -35.48
C VAL C 13 5.65 6.22 -35.41
N PRO C 14 6.41 7.19 -34.90
CA PRO C 14 6.87 7.35 -33.52
C PRO C 14 5.97 8.24 -32.69
N GLU C 15 4.81 8.62 -33.23
CA GLU C 15 3.87 9.47 -32.50
C GLU C 15 3.30 8.78 -31.30
N VAL C 16 3.00 7.50 -31.46
CA VAL C 16 2.50 6.68 -30.38
C VAL C 16 3.22 5.36 -30.43
N VAL C 17 3.88 5.00 -29.34
CA VAL C 17 4.62 3.78 -29.22
C VAL C 17 4.03 2.93 -28.11
N TYR C 18 4.35 1.65 -28.12
CA TYR C 18 4.07 0.80 -26.96
C TYR C 18 5.25 0.85 -26.01
N ALA C 19 4.94 1.12 -24.76
CA ALA C 19 5.87 0.95 -23.68
C ALA C 19 5.51 -0.33 -22.97
N LEU C 20 6.43 -1.27 -22.96
N LEU C 20 6.42 -1.29 -22.94
CA LEU C 20 6.27 -2.48 -22.19
CA LEU C 20 6.21 -2.54 -22.19
C LEU C 20 6.92 -2.25 -20.84
C LEU C 20 6.89 -2.44 -20.83
N ILE C 21 6.10 -2.10 -19.82
CA ILE C 21 6.63 -1.71 -18.54
C ILE C 21 7.24 -2.89 -17.80
N GLU C 22 8.44 -2.66 -17.27
CA GLU C 22 9.13 -3.63 -16.42
C GLU C 22 9.08 -3.26 -14.94
N ILE C 23 9.15 -1.97 -14.65
CA ILE C 23 9.32 -1.51 -13.26
C ILE C 23 8.27 -0.43 -12.98
N PRO C 24 7.34 -0.69 -12.07
N PRO C 24 7.37 -0.67 -12.01
CA PRO C 24 6.38 0.34 -11.69
CA PRO C 24 6.36 0.34 -11.73
C PRO C 24 7.07 1.48 -10.94
C PRO C 24 6.94 1.45 -10.85
N LYS C 25 6.54 2.68 -11.12
CA LYS C 25 6.91 3.79 -10.30
C LYS C 25 6.78 3.38 -8.84
N GLY C 26 7.77 3.73 -8.03
CA GLY C 26 7.71 3.44 -6.61
C GLY C 26 8.50 2.20 -6.20
N SER C 27 8.99 1.44 -7.18
N SER C 27 9.03 1.46 -7.16
CA SER C 27 9.77 0.26 -6.88
CA SER C 27 9.75 0.24 -6.86
C SER C 27 11.21 0.61 -6.52
C SER C 27 11.24 0.45 -6.63
N ARG C 28 11.77 -0.15 -5.57
CA ARG C 28 13.21 -0.20 -5.34
C ARG C 28 13.80 -1.47 -5.99
N ASN C 29 12.97 -2.48 -6.23
CA ASN C 29 13.41 -3.64 -6.98
C ASN C 29 13.53 -3.26 -8.46
N LYS C 30 14.67 -3.57 -9.08
CA LYS C 30 14.89 -3.31 -10.47
C LYS C 30 14.65 -4.60 -11.23
N TYR C 31 13.61 -4.63 -12.07
CA TYR C 31 13.23 -5.78 -12.85
C TYR C 31 13.68 -5.63 -14.30
N GLU C 32 13.90 -6.77 -14.95
CA GLU C 32 14.20 -6.86 -16.36
C GLU C 32 13.43 -8.08 -16.91
N LEU C 33 13.57 -8.37 -18.18
CA LEU C 33 12.98 -9.59 -18.76
C LEU C 33 14.01 -10.69 -18.92
N ASP C 34 13.64 -11.91 -18.58
CA ASP C 34 14.44 -13.10 -18.93
C ASP C 34 14.51 -13.20 -20.44
N LYS C 35 15.70 -13.35 -20.96
CA LYS C 35 15.85 -13.32 -22.41
C LYS C 35 15.08 -14.42 -23.14
N LYS C 36 15.20 -15.67 -22.70
CA LYS C 36 14.56 -16.77 -23.42
C LYS C 36 13.03 -16.72 -23.32
N THR C 37 12.54 -16.51 -22.11
CA THR C 37 11.13 -16.71 -21.81
C THR C 37 10.35 -15.42 -21.87
N GLY C 38 10.99 -14.31 -21.55
CA GLY C 38 10.25 -13.07 -21.39
C GLY C 38 9.55 -12.92 -20.04
N LEU C 39 9.76 -13.86 -19.12
N LEU C 39 9.87 -13.80 -19.11
CA LEU C 39 9.24 -13.63 -17.76
CA LEU C 39 9.42 -13.69 -17.72
C LEU C 39 9.95 -12.42 -17.14
C LEU C 39 10.07 -12.51 -17.00
N LEU C 40 9.30 -11.80 -16.18
CA LEU C 40 9.91 -10.79 -15.34
C LEU C 40 11.00 -11.43 -14.48
N LYS C 41 12.11 -10.72 -14.29
CA LYS C 41 13.22 -11.20 -13.50
C LYS C 41 13.78 -10.05 -12.65
N LEU C 42 14.15 -10.36 -11.42
CA LEU C 42 14.82 -9.37 -10.60
C LEU C 42 16.26 -9.19 -11.11
N ASP C 43 16.59 -7.96 -11.52
N ASP C 43 16.60 -7.99 -11.58
CA ASP C 43 17.94 -7.56 -11.95
CA ASP C 43 17.98 -7.69 -11.92
C ASP C 43 18.84 -7.27 -10.74
C ASP C 43 18.76 -7.46 -10.61
N ARG C 44 18.31 -6.49 -9.80
CA ARG C 44 18.96 -6.22 -8.52
C ARG C 44 17.97 -5.48 -7.65
N VAL C 45 18.29 -5.42 -6.37
CA VAL C 45 17.67 -4.46 -5.48
C VAL C 45 18.58 -3.23 -5.47
N LEU C 46 18.04 -2.03 -5.72
CA LEU C 46 18.93 -0.86 -5.75
C LEU C 46 19.67 -0.77 -4.43
N TYR C 47 20.94 -0.36 -4.52
CA TYR C 47 21.82 -0.36 -3.34
C TYR C 47 21.50 0.78 -2.38
N SER C 48 20.70 1.73 -2.84
CA SER C 48 20.33 2.93 -2.10
C SER C 48 18.82 2.97 -2.00
N PRO C 49 18.29 3.70 -1.01
CA PRO C 49 16.83 3.75 -0.80
C PRO C 49 16.21 4.77 -1.73
N PHE C 50 16.21 4.41 -2.99
N PHE C 50 16.38 4.53 -3.03
CA PHE C 50 15.66 5.22 -4.04
CA PHE C 50 15.69 5.22 -4.10
C PHE C 50 14.59 4.37 -4.72
C PHE C 50 14.50 4.40 -4.54
N PHE C 51 13.61 5.05 -5.29
CA PHE C 51 12.61 4.35 -6.04
C PHE C 51 12.49 4.93 -7.43
N TYR C 52 12.03 4.09 -8.36
CA TYR C 52 11.89 4.57 -9.70
C TYR C 52 10.83 5.68 -9.73
N PRO C 53 11.17 6.82 -10.35
CA PRO C 53 10.25 7.96 -10.33
C PRO C 53 9.20 7.95 -11.42
N VAL C 54 9.29 6.96 -12.31
CA VAL C 54 8.47 6.80 -13.50
C VAL C 54 8.20 5.32 -13.64
N ASP C 55 7.18 4.98 -14.42
CA ASP C 55 7.02 3.59 -14.87
C ASP C 55 8.04 3.38 -15.96
N TYR C 56 8.83 2.33 -15.83
CA TYR C 56 10.04 2.19 -16.63
C TYR C 56 9.98 0.89 -17.41
N GLY C 57 10.32 0.95 -18.68
CA GLY C 57 10.35 -0.27 -19.47
C GLY C 57 11.03 -0.05 -20.79
N ILE C 58 10.59 -0.82 -21.78
CA ILE C 58 11.26 -0.85 -23.06
C ILE C 58 10.25 -0.72 -24.19
N ILE C 59 10.72 -0.29 -25.35
CA ILE C 59 9.89 -0.28 -26.55
C ILE C 59 10.14 -1.60 -27.30
N PRO C 60 9.11 -2.37 -27.58
CA PRO C 60 9.36 -3.65 -28.25
C PRO C 60 10.03 -3.48 -29.61
N GLN C 61 10.80 -4.48 -29.99
CA GLN C 61 11.41 -4.52 -31.31
C GLN C 61 12.21 -3.23 -31.58
N THR C 62 12.97 -2.82 -30.58
CA THR C 62 13.96 -1.78 -30.72
C THR C 62 15.31 -2.25 -30.23
N TRP C 63 16.35 -1.62 -30.77
CA TRP C 63 17.69 -1.88 -30.30
C TRP C 63 18.45 -0.59 -30.43
N TYR C 64 19.24 -0.28 -29.42
CA TYR C 64 19.82 1.04 -29.34
C TYR C 64 21.32 0.94 -29.40
N ASP C 65 21.97 2.08 -29.36
CA ASP C 65 23.38 2.16 -29.64
C ASP C 65 24.23 1.50 -28.58
N ASP C 66 23.67 1.35 -27.40
CA ASP C 66 24.38 0.61 -26.34
C ASP C 66 24.11 -0.90 -26.35
N GLY C 67 23.47 -1.42 -27.41
CA GLY C 67 23.27 -2.86 -27.53
C GLY C 67 22.24 -3.44 -26.57
N ASP C 68 21.15 -2.71 -26.41
N ASP C 68 21.16 -2.68 -26.38
CA ASP C 68 20.05 -3.11 -25.54
CA ASP C 68 20.05 -3.09 -25.51
C ASP C 68 18.76 -2.51 -26.07
C ASP C 68 18.77 -2.66 -26.20
N PRO C 69 17.61 -3.08 -25.67
CA PRO C 69 16.33 -2.49 -26.07
C PRO C 69 16.35 -1.01 -25.74
N PHE C 70 15.59 -0.20 -26.47
CA PHE C 70 15.52 1.22 -26.18
C PHE C 70 14.59 1.42 -24.97
N ASP C 71 15.08 2.08 -23.93
CA ASP C 71 14.32 2.30 -22.69
C ASP C 71 13.37 3.48 -22.82
N ILE C 72 12.24 3.34 -22.15
CA ILE C 72 11.19 4.35 -22.14
C ILE C 72 10.67 4.49 -20.71
N MSE C 73 10.49 5.77 -20.35
CA MSE C 73 10.03 6.20 -19.05
C MSE C 73 8.65 6.83 -19.28
O MSE C 73 8.55 7.79 -20.00
CB MSE C 73 11.01 7.26 -18.50
CG MSE C 73 12.43 6.74 -18.39
SE MSE C 73 13.70 8.03 -17.71
CE MSE C 73 13.54 9.35 -19.05
N VAL C 74 7.62 6.25 -18.66
N VAL C 74 7.61 6.26 -18.69
CA VAL C 74 6.26 6.73 -18.82
CA VAL C 74 6.26 6.79 -18.90
C VAL C 74 5.84 7.38 -17.51
C VAL C 74 5.67 7.34 -17.61
N ILE C 75 5.40 8.63 -17.60
CA ILE C 75 4.90 9.32 -16.43
C ILE C 75 3.47 8.84 -16.16
N MSE C 76 3.27 8.13 -15.05
CA MSE C 76 1.95 7.61 -14.68
C MSE C 76 1.59 8.11 -13.29
O MSE C 76 2.40 8.09 -12.37
CB MSE C 76 1.90 6.07 -14.67
CG MSE C 76 1.93 5.39 -16.03
SE MSE C 76 0.31 5.67 -17.04
CE MSE C 76 -0.95 4.61 -16.03
N ARG C 77 0.36 8.51 -13.11
CA ARG C 77 -0.14 8.90 -11.79
C ARG C 77 -0.27 7.67 -10.88
N GLU C 78 -0.96 6.62 -11.33
CA GLU C 78 -1.08 5.34 -10.62
C GLU C 78 -0.19 4.37 -11.42
N PRO C 79 0.78 3.74 -10.77
N PRO C 79 0.79 3.73 -10.76
CA PRO C 79 1.67 2.77 -11.44
CA PRO C 79 1.63 2.88 -11.59
C PRO C 79 0.93 1.58 -12.04
C PRO C 79 0.85 1.72 -12.16
N VAL C 80 1.42 1.08 -13.17
CA VAL C 80 0.89 -0.15 -13.73
C VAL C 80 1.66 -1.34 -13.14
N TYR C 81 1.24 -2.51 -13.53
CA TYR C 81 1.88 -3.75 -13.15
C TYR C 81 2.99 -4.08 -14.15
N PRO C 82 4.04 -4.78 -13.71
CA PRO C 82 5.01 -5.22 -14.71
C PRO C 82 4.34 -6.06 -15.80
N LEU C 83 4.88 -5.90 -17.02
CA LEU C 83 4.41 -6.54 -18.25
C LEU C 83 3.12 -5.96 -18.79
N THR C 84 2.78 -4.76 -18.37
CA THR C 84 1.65 -4.02 -18.94
C THR C 84 2.14 -3.19 -20.12
N ILE C 85 1.36 -3.18 -21.19
CA ILE C 85 1.59 -2.32 -22.34
C ILE C 85 0.88 -0.99 -22.12
N ILE C 86 1.59 0.11 -22.33
CA ILE C 86 0.99 1.45 -22.33
C ILE C 86 1.21 2.09 -23.69
N GLU C 87 0.15 2.62 -24.29
CA GLU C 87 0.27 3.46 -25.50
CA GLU C 87 0.30 3.43 -25.50
C GLU C 87 0.79 4.80 -25.06
N ALA C 88 1.97 5.18 -25.54
CA ALA C 88 2.70 6.29 -24.99
C ALA C 88 3.09 7.29 -26.05
N ARG C 89 2.97 8.57 -25.72
CA ARG C 89 3.39 9.68 -26.57
C ARG C 89 4.77 10.16 -26.11
N PRO C 90 5.79 10.02 -26.96
CA PRO C 90 7.10 10.57 -26.59
C PRO C 90 7.06 12.07 -26.51
N ILE C 91 7.62 12.64 -25.46
CA ILE C 91 7.70 14.08 -25.29
C ILE C 91 9.13 14.62 -25.14
N GLY C 92 10.12 13.73 -24.99
CA GLY C 92 11.48 14.17 -24.81
C GLY C 92 12.38 12.98 -24.60
N ILE C 93 13.66 13.27 -24.34
CA ILE C 93 14.66 12.24 -24.22
C ILE C 93 15.76 12.64 -23.25
N MSE C 94 16.10 11.75 -22.32
N MSE C 94 16.06 11.75 -22.32
CA MSE C 94 17.14 12.01 -21.34
CA MSE C 94 17.15 11.94 -21.39
C MSE C 94 18.46 11.51 -21.89
C MSE C 94 18.42 11.52 -22.07
O MSE C 94 18.61 10.31 -22.13
O MSE C 94 18.50 10.42 -22.61
CB MSE C 94 16.85 11.25 -20.04
CB MSE C 94 16.91 11.08 -20.14
CG MSE C 94 17.85 11.55 -18.96
CG MSE C 94 18.09 11.02 -19.19
SE MSE C 94 17.45 10.51 -17.35
SE MSE C 94 17.59 11.56 -17.39
CE MSE C 94 17.72 8.70 -18.02
CE MSE C 94 18.15 10.00 -16.41
N LYS C 95 19.41 12.41 -22.08
CA LYS C 95 20.70 12.08 -22.68
C LYS C 95 21.65 11.69 -21.59
N MSE C 96 21.82 10.41 -21.39
N MSE C 96 21.73 10.38 -21.36
CA MSE C 96 22.77 10.01 -20.38
CA MSE C 96 22.55 9.73 -20.31
C MSE C 96 23.67 8.96 -20.94
C MSE C 96 23.67 8.93 -20.97
O MSE C 96 23.32 8.20 -21.83
O MSE C 96 23.45 8.29 -22.00
CB MSE C 96 22.07 9.53 -19.14
CB MSE C 96 21.69 8.75 -19.48
CG MSE C 96 21.02 8.50 -19.40
CG MSE C 96 22.43 7.88 -18.40
SE MSE C 96 21.56 6.74 -18.76
SE MSE C 96 21.23 6.71 -17.33
CE MSE C 96 22.96 7.22 -17.52
CE MSE C 96 19.58 7.61 -17.78
N GLU C 97 24.87 8.94 -20.37
CA GLU C 97 25.93 8.06 -20.82
C GLU C 97 26.55 7.47 -19.59
N ASP C 98 26.39 6.15 -19.41
CA ASP C 98 26.76 5.52 -18.17
C ASP C 98 27.75 4.39 -18.41
N SER C 99 28.75 4.33 -17.54
CA SER C 99 29.87 3.40 -17.69
C SER C 99 30.53 3.54 -19.06
N GLY C 100 30.36 4.69 -19.71
CA GLY C 100 31.04 4.99 -20.96
C GLY C 100 30.31 4.65 -22.25
N ASP C 101 28.98 4.48 -22.19
CA ASP C 101 28.19 4.20 -23.39
C ASP C 101 26.95 5.12 -23.47
N LYS C 102 26.54 5.47 -24.69
N LYS C 102 26.50 5.41 -24.71
CA LYS C 102 25.26 6.15 -24.87
CA LYS C 102 25.30 6.23 -24.95
C LYS C 102 24.20 5.27 -24.24
C LYS C 102 23.99 5.50 -24.70
N ASP C 103 23.26 5.88 -23.54
N ASP C 103 23.38 5.82 -23.57
CA ASP C 103 22.24 5.13 -22.83
CA ASP C 103 22.25 5.08 -23.04
C ASP C 103 20.96 5.98 -22.73
C ASP C 103 21.08 6.01 -22.75
N TRP C 104 20.69 6.76 -23.78
CA TRP C 104 19.59 7.71 -23.73
C TRP C 104 18.28 6.98 -23.51
N LYS C 105 17.29 7.66 -22.90
CA LYS C 105 16.00 7.05 -22.56
C LYS C 105 14.86 7.98 -22.93
N VAL C 106 13.84 7.44 -23.58
CA VAL C 106 12.69 8.24 -23.98
C VAL C 106 11.87 8.61 -22.73
N LEU C 107 11.38 9.85 -22.69
CA LEU C 107 10.38 10.29 -21.74
C LEU C 107 9.03 10.40 -22.45
N ALA C 108 7.99 9.82 -21.88
CA ALA C 108 6.70 9.75 -22.55
C ALA C 108 5.57 9.89 -21.53
N VAL C 109 4.38 10.17 -22.04
CA VAL C 109 3.18 10.24 -21.27
C VAL C 109 2.15 9.26 -21.86
N PRO C 110 1.24 8.77 -21.03
CA PRO C 110 0.17 7.91 -21.57
C PRO C 110 -0.81 8.69 -22.43
N VAL C 111 -1.08 8.16 -23.61
N VAL C 111 -1.14 8.17 -23.60
CA VAL C 111 -2.09 8.74 -24.48
CA VAL C 111 -2.10 8.85 -24.44
C VAL C 111 -3.44 8.80 -23.79
C VAL C 111 -3.54 8.69 -23.93
N GLU C 112 -3.78 7.76 -23.01
CA GLU C 112 -5.13 7.58 -22.48
C GLU C 112 -5.31 7.99 -21.03
N ASP C 113 -4.46 8.89 -20.55
CA ASP C 113 -4.72 9.63 -19.31
C ASP C 113 -4.91 11.10 -19.69
N PRO C 114 -6.14 11.60 -19.58
N PRO C 114 -6.16 11.60 -19.56
CA PRO C 114 -6.38 12.96 -20.04
CA PRO C 114 -6.56 12.96 -19.89
C PRO C 114 -5.65 14.01 -19.20
C PRO C 114 -5.65 13.98 -19.21
N TYR C 115 -5.19 13.65 -18.01
CA TYR C 115 -4.35 14.56 -17.25
C TYR C 115 -3.19 15.12 -18.07
N PHE C 116 -2.64 14.29 -18.95
CA PHE C 116 -1.45 14.64 -19.73
C PHE C 116 -1.76 15.11 -21.14
N ASN C 117 -3.02 15.40 -21.45
CA ASN C 117 -3.39 15.74 -22.83
C ASN C 117 -2.56 16.86 -23.42
N ASP C 118 -2.21 17.86 -22.60
CA ASP C 118 -1.42 18.99 -23.07
C ASP C 118 0.10 18.87 -22.83
N TRP C 119 0.55 17.68 -22.43
CA TRP C 119 1.98 17.41 -22.38
C TRP C 119 2.38 16.82 -23.72
N LYS C 120 3.06 17.62 -24.53
CA LYS C 120 3.48 17.21 -25.85
C LYS C 120 4.95 17.45 -26.13
N ASP C 121 5.66 18.13 -25.24
CA ASP C 121 7.07 18.42 -25.46
C ASP C 121 7.73 18.63 -24.12
N ILE C 122 9.05 18.65 -24.15
CA ILE C 122 9.84 18.65 -22.95
C ILE C 122 9.59 19.90 -22.08
N SER C 123 9.19 21.00 -22.71
CA SER C 123 8.89 22.24 -22.00
C SER C 123 7.62 22.14 -21.15
N ASP C 124 6.82 21.09 -21.36
CA ASP C 124 5.58 20.91 -20.61
C ASP C 124 5.80 20.24 -19.25
N VAL C 125 7.03 19.76 -19.00
CA VAL C 125 7.31 19.05 -17.76
C VAL C 125 7.90 20.00 -16.70
N PRO C 126 7.44 19.93 -15.46
CA PRO C 126 8.06 20.80 -14.46
C PRO C 126 9.56 20.59 -14.33
N LYS C 127 10.32 21.67 -14.23
CA LYS C 127 11.77 21.55 -14.19
CA LYS C 127 11.77 21.57 -14.18
C LYS C 127 12.22 20.66 -13.03
N ALA C 128 11.57 20.80 -11.88
CA ALA C 128 12.00 19.99 -10.74
C ALA C 128 11.81 18.50 -10.99
N PHE C 129 10.82 18.15 -11.82
CA PHE C 129 10.58 16.74 -12.10
C PHE C 129 11.66 16.19 -13.03
N LEU C 130 12.02 16.94 -14.09
CA LEU C 130 13.15 16.56 -14.90
C LEU C 130 14.42 16.41 -14.02
N ASP C 131 14.63 17.35 -13.10
CA ASP C 131 15.79 17.30 -12.23
C ASP C 131 15.80 16.05 -11.37
N GLU C 132 14.62 15.68 -10.87
CA GLU C 132 14.52 14.50 -9.99
C GLU C 132 14.83 13.21 -10.74
N ILE C 133 14.40 13.14 -12.00
CA ILE C 133 14.63 11.94 -12.79
C ILE C 133 16.12 11.85 -13.12
N ALA C 134 16.71 12.97 -13.55
CA ALA C 134 18.14 12.96 -13.86
C ALA C 134 18.95 12.60 -12.61
N HIS C 135 18.59 13.13 -11.44
CA HIS C 135 19.35 12.86 -10.23
C HIS C 135 19.29 11.36 -9.84
N PHE C 136 18.10 10.79 -9.98
CA PHE C 136 17.95 9.35 -9.79
C PHE C 136 18.94 8.57 -10.65
N PHE C 137 18.98 8.84 -11.95
CA PHE C 137 19.89 8.08 -12.80
C PHE C 137 21.36 8.44 -12.53
N GLN C 138 21.61 9.67 -12.08
N GLN C 138 21.62 9.66 -12.10
CA GLN C 138 22.96 10.09 -11.72
CA GLN C 138 22.96 10.06 -11.74
C GLN C 138 23.53 9.38 -10.49
C GLN C 138 23.48 9.20 -10.58
N ARG C 139 22.66 9.04 -9.56
CA ARG C 139 23.11 8.53 -8.26
C ARG C 139 22.67 7.11 -7.88
N TYR C 140 21.72 6.51 -8.60
CA TYR C 140 21.17 5.24 -8.12
C TYR C 140 22.13 4.06 -8.13
N LYS C 141 23.21 4.15 -8.88
CA LYS C 141 24.24 3.13 -8.88
C LYS C 141 25.56 3.63 -8.28
N GLU C 142 25.53 4.74 -7.56
CA GLU C 142 26.74 5.28 -6.94
C GLU C 142 27.41 4.26 -6.05
N LEU C 143 26.64 3.50 -5.27
CA LEU C 143 27.24 2.53 -4.35
C LEU C 143 27.75 1.28 -5.07
N GLN C 144 27.47 1.19 -6.36
CA GLN C 144 28.03 0.16 -7.19
C GLN C 144 29.24 0.64 -7.99
N GLY C 145 29.67 1.87 -7.78
CA GLY C 145 30.84 2.40 -8.42
C GLY C 145 30.66 2.75 -9.87
N LYS C 146 29.44 3.06 -10.31
CA LYS C 146 29.22 3.26 -11.74
C LYS C 146 29.28 4.72 -12.10
N THR C 147 29.99 5.07 -13.16
N THR C 147 30.05 5.06 -13.13
CA THR C 147 29.97 6.44 -13.63
CA THR C 147 30.08 6.47 -13.55
C THR C 147 28.66 6.74 -14.37
C THR C 147 28.83 6.80 -14.38
N THR C 148 28.21 8.00 -14.31
N THR C 148 28.36 8.03 -14.23
CA THR C 148 27.06 8.43 -15.11
CA THR C 148 27.25 8.49 -15.07
C THR C 148 27.09 9.92 -15.33
C THR C 148 27.43 9.95 -15.41
N LYS C 149 26.97 10.34 -16.59
CA LYS C 149 26.88 11.74 -16.93
C LYS C 149 25.52 11.96 -17.60
N ILE C 150 24.76 12.91 -17.11
CA ILE C 150 23.52 13.28 -17.80
C ILE C 150 23.83 14.54 -18.58
N GLU C 151 23.71 14.47 -19.90
CA GLU C 151 24.09 15.61 -20.71
C GLU C 151 23.00 16.67 -20.72
N GLY C 152 21.77 16.22 -20.61
CA GLY C 152 20.64 17.12 -20.68
C GLY C 152 19.46 16.41 -21.27
N TRP C 153 18.47 17.19 -21.71
CA TRP C 153 17.24 16.64 -22.23
C TRP C 153 17.05 17.14 -23.64
N GLY C 154 16.63 16.24 -24.52
CA GLY C 154 16.21 16.59 -25.86
C GLY C 154 14.71 16.65 -25.95
N ASN C 155 14.23 17.25 -27.04
CA ASN C 155 12.81 17.48 -27.21
C ASN C 155 12.10 16.32 -27.89
N ALA C 156 10.80 16.48 -28.10
CA ALA C 156 9.96 15.41 -28.64
C ALA C 156 10.39 15.00 -30.01
N GLU C 157 10.78 15.99 -30.81
CA GLU C 157 11.22 15.71 -32.16
C GLU C 157 12.45 14.81 -32.12
N GLU C 158 13.41 15.14 -31.26
CA GLU C 158 14.60 14.33 -31.13
C GLU C 158 14.26 12.92 -30.63
N ALA C 159 13.38 12.81 -29.66
CA ALA C 159 13.01 11.52 -29.12
C ALA C 159 12.40 10.62 -30.22
N LYS C 160 11.54 11.21 -31.04
CA LYS C 160 10.84 10.48 -32.08
C LYS C 160 11.81 9.98 -33.16
N ARG C 161 12.76 10.82 -33.52
CA ARG C 161 13.78 10.41 -34.46
C ARG C 161 14.60 9.24 -33.90
N GLU C 162 14.96 9.32 -32.62
CA GLU C 162 15.71 8.25 -32.00
C GLU C 162 14.93 6.94 -31.94
N ILE C 163 13.63 7.01 -31.69
CA ILE C 163 12.80 5.83 -31.74
C ILE C 163 12.86 5.17 -33.12
N LEU C 164 12.71 5.97 -34.17
CA LEU C 164 12.76 5.39 -35.52
C LEU C 164 14.11 4.77 -35.83
N ARG C 165 15.16 5.38 -35.28
N ARG C 165 15.17 5.42 -35.36
CA ARG C 165 16.49 4.84 -35.47
CA ARG C 165 16.50 4.84 -35.50
C ARG C 165 16.72 3.54 -34.69
C ARG C 165 16.54 3.46 -34.80
N ALA C 166 16.02 3.38 -33.57
CA ALA C 166 16.09 2.15 -32.78
C ALA C 166 15.24 1.03 -33.39
N ILE C 167 14.12 1.40 -34.01
CA ILE C 167 13.30 0.42 -34.71
C ILE C 167 14.11 -0.17 -35.87
N GLU C 168 14.82 0.68 -36.58
CA GLU C 168 15.60 0.21 -37.70
C GLU C 168 16.80 -0.60 -37.23
N MSE C 169 17.44 -0.19 -36.15
CA MSE C 169 18.57 -0.94 -35.62
C MSE C 169 18.20 -2.36 -35.21
O MSE C 169 19.00 -3.29 -35.36
CB MSE C 169 19.24 -0.19 -34.50
CG MSE C 169 20.14 0.88 -34.99
SE MSE C 169 21.25 1.72 -33.58
CE MSE C 169 19.89 2.83 -32.80
N TYR C 170 16.99 -2.55 -34.71
CA TYR C 170 16.51 -3.87 -34.34
C TYR C 170 16.38 -4.70 -35.61
N LYS C 171 15.83 -4.12 -36.66
CA LYS C 171 15.73 -4.83 -37.95
C LYS C 171 17.10 -5.22 -38.45
N GLU C 172 18.05 -4.32 -38.28
CA GLU C 172 19.38 -4.48 -38.82
C GLU C 172 20.09 -5.62 -38.09
N LYS C 173 19.73 -5.82 -36.83
CA LYS C 173 20.38 -6.82 -35.99
C LYS C 173 19.66 -8.17 -35.96
N PHE C 174 18.34 -8.17 -35.81
CA PHE C 174 17.60 -9.42 -35.65
C PHE C 174 16.95 -9.90 -36.95
N GLY C 175 16.91 -9.03 -37.95
CA GLY C 175 16.36 -9.38 -39.24
C GLY C 175 14.93 -8.90 -39.41
N MSE D 1 -6.15 21.16 23.08
CA MSE D 1 -6.99 22.04 22.29
C MSE D 1 -7.17 21.45 20.90
O MSE D 1 -6.30 20.79 20.38
CB MSE D 1 -6.40 23.47 22.20
CG MSE D 1 -7.29 24.51 21.48
SE MSE D 1 -6.73 26.42 21.53
CE MSE D 1 -5.44 26.19 22.92
N ASN D 2 -8.33 21.71 20.32
CA ASN D 2 -8.60 21.36 18.94
C ASN D 2 -7.67 22.18 18.05
N PRO D 3 -6.88 21.53 17.20
CA PRO D 3 -5.93 22.29 16.37
C PRO D 3 -6.59 23.28 15.42
N PHE D 4 -7.86 23.08 15.09
CA PHE D 4 -8.59 24.04 14.27
C PHE D 4 -8.65 25.42 14.95
N HIS D 5 -8.75 25.39 16.26
CA HIS D 5 -8.77 26.62 17.05
C HIS D 5 -7.37 27.08 17.44
N GLU D 6 -6.44 26.15 17.64
CA GLU D 6 -5.15 26.52 18.21
C GLU D 6 -4.16 27.06 17.17
N LEU D 7 -4.21 26.50 15.97
N LEU D 7 -4.17 26.48 15.99
CA LEU D 7 -3.29 26.87 14.89
CA LEU D 7 -3.20 26.87 14.96
C LEU D 7 -3.65 28.19 14.23
C LEU D 7 -3.61 28.20 14.32
N GLU D 8 -2.65 28.98 13.84
CA GLU D 8 -2.91 30.20 13.08
C GLU D 8 -3.40 29.86 11.66
N PRO D 9 -4.12 30.79 11.01
CA PRO D 9 -4.54 30.48 9.62
C PRO D 9 -3.39 30.29 8.66
N GLY D 10 -2.24 30.90 8.92
CA GLY D 10 -1.10 30.75 8.01
C GLY D 10 0.06 31.62 8.42
N PRO D 11 1.23 31.38 7.84
CA PRO D 11 2.41 32.17 8.15
C PRO D 11 2.50 33.48 7.34
N GLU D 12 1.80 33.58 6.22
CA GLU D 12 1.83 34.81 5.40
C GLU D 12 0.51 34.95 4.67
N VAL D 13 -0.56 35.04 5.42
N VAL D 13 -0.58 35.02 5.41
CA VAL D 13 -1.88 35.01 4.82
CA VAL D 13 -1.88 34.96 4.77
C VAL D 13 -2.08 36.25 3.93
C VAL D 13 -2.13 36.23 3.95
N PRO D 14 -2.81 36.10 2.80
CA PRO D 14 -3.38 34.88 2.23
C PRO D 14 -2.47 34.23 1.19
N GLU D 15 -1.25 34.73 1.00
CA GLU D 15 -0.32 34.18 0.03
C GLU D 15 0.13 32.77 0.41
N VAL D 16 0.33 32.54 1.70
CA VAL D 16 0.65 31.20 2.23
C VAL D 16 -0.21 30.96 3.44
N VAL D 17 -0.95 29.87 3.41
CA VAL D 17 -1.83 29.47 4.50
C VAL D 17 -1.39 28.11 5.05
N TYR D 18 -1.88 27.78 6.24
CA TYR D 18 -1.73 26.42 6.72
C TYR D 18 -2.97 25.64 6.32
N ALA D 19 -2.74 24.49 5.73
CA ALA D 19 -3.78 23.52 5.51
C ALA D 19 -3.63 22.42 6.54
N LEU D 20 -4.66 22.24 7.34
N LEU D 20 -4.65 22.21 7.35
CA LEU D 20 -4.71 21.15 8.29
CA LEU D 20 -4.63 21.12 8.32
C LEU D 20 -5.42 20.01 7.58
C LEU D 20 -5.40 19.94 7.75
N ILE D 21 -4.67 18.98 7.20
CA ILE D 21 -5.25 17.92 6.41
C ILE D 21 -6.02 16.95 7.28
N GLU D 22 -7.23 16.62 6.84
CA GLU D 22 -8.07 15.62 7.47
C GLU D 22 -8.10 14.31 6.69
N ILE D 23 -8.03 14.40 5.35
CA ILE D 23 -8.25 13.24 4.49
C ILE D 23 -7.13 13.18 3.46
N PRO D 24 -6.34 12.11 3.49
CA PRO D 24 -5.29 11.95 2.47
C PRO D 24 -5.89 11.62 1.11
N LYS D 25 -5.27 12.11 0.06
CA LYS D 25 -5.58 11.65 -1.27
C LYS D 25 -5.59 10.16 -1.31
N GLY D 26 -6.60 9.59 -1.96
CA GLY D 26 -6.73 8.15 -2.11
C GLY D 26 -7.65 7.48 -1.10
N SER D 27 -8.12 8.23 -0.11
N SER D 27 -8.15 8.22 -0.11
CA SER D 27 -9.06 7.72 0.87
CA SER D 27 -9.02 7.64 0.90
C SER D 27 -10.48 7.61 0.32
C SER D 27 -10.49 7.68 0.51
N ARG D 28 -11.16 6.54 0.69
CA ARG D 28 -12.62 6.45 0.57
C ARG D 28 -13.28 6.73 1.93
N ASN D 29 -12.53 6.60 3.02
CA ASN D 29 -13.02 7.02 4.32
C ASN D 29 -12.96 8.55 4.37
N LYS D 30 -14.06 9.17 4.81
CA LYS D 30 -14.16 10.61 4.93
C LYS D 30 -14.00 10.95 6.41
N TYR D 31 -12.91 11.61 6.76
CA TYR D 31 -12.59 11.99 8.12
C TYR D 31 -12.90 13.46 8.38
N GLU D 32 -13.21 13.75 9.64
CA GLU D 32 -13.42 15.09 10.13
C GLU D 32 -12.78 15.18 11.53
N LEU D 33 -12.99 16.29 12.22
N LEU D 33 -12.95 16.31 12.18
CA LEU D 33 -12.40 16.51 13.54
CA LEU D 33 -12.46 16.46 13.55
C LEU D 33 -13.44 16.57 14.66
C LEU D 33 -13.59 16.34 14.54
N ASP D 34 -13.32 15.70 15.66
CA ASP D 34 -14.22 15.78 16.82
C ASP D 34 -14.16 17.20 17.35
N LYS D 35 -15.31 17.80 17.58
CA LYS D 35 -15.30 19.23 17.89
C LYS D 35 -14.62 19.52 19.21
N LYS D 36 -14.97 18.77 20.25
CA LYS D 36 -14.45 19.03 21.59
C LYS D 36 -12.96 18.74 21.70
N THR D 37 -12.53 17.62 21.14
CA THR D 37 -11.17 17.15 21.38
C THR D 37 -10.20 17.44 20.24
N GLY D 38 -10.71 17.55 19.03
CA GLY D 38 -9.85 17.72 17.87
C GLY D 38 -9.25 16.40 17.39
N LEU D 39 -9.64 15.26 17.93
N LEU D 39 -9.72 15.27 17.91
CA LEU D 39 -9.20 13.99 17.38
CA LEU D 39 -9.34 13.95 17.42
C LEU D 39 -9.81 13.86 15.99
C LEU D 39 -9.93 13.70 16.04
N LEU D 40 -9.18 13.01 15.19
CA LEU D 40 -9.73 12.61 13.91
C LEU D 40 -10.95 11.71 14.17
N LYS D 41 -11.97 11.82 13.34
CA LYS D 41 -13.18 11.04 13.47
C LYS D 41 -13.66 10.63 12.09
N LEU D 42 -14.14 9.41 11.97
CA LEU D 42 -14.76 8.96 10.72
C LEU D 42 -16.12 9.65 10.60
N ASP D 43 -16.27 10.50 9.59
CA ASP D 43 -17.57 11.05 9.29
C ASP D 43 -18.46 9.99 8.62
N ARG D 44 -17.96 9.41 7.53
CA ARG D 44 -18.68 8.35 6.84
C ARG D 44 -17.68 7.61 5.96
N VAL D 45 -18.09 6.44 5.49
CA VAL D 45 -17.44 5.80 4.34
C VAL D 45 -18.23 6.24 3.11
N LEU D 46 -17.56 6.78 2.10
CA LEU D 46 -18.30 7.21 0.93
C LEU D 46 -19.14 6.08 0.40
N TYR D 47 -20.33 6.40 -0.09
CA TYR D 47 -21.30 5.39 -0.50
C TYR D 47 -20.95 4.77 -1.86
N SER D 48 -20.02 5.37 -2.56
CA SER D 48 -19.59 4.95 -3.89
C SER D 48 -18.09 4.71 -3.84
N PRO D 49 -17.57 3.92 -4.79
CA PRO D 49 -16.13 3.58 -4.79
C PRO D 49 -15.33 4.70 -5.42
N PHE D 50 -15.34 5.83 -4.74
N PHE D 50 -15.44 5.88 -4.80
CA PHE D 50 -14.63 7.00 -5.13
CA PHE D 50 -14.67 7.08 -5.10
C PHE D 50 -13.62 7.32 -4.03
C PHE D 50 -13.52 7.17 -4.09
N PHE D 51 -12.54 8.00 -4.41
CA PHE D 51 -11.55 8.40 -3.43
C PHE D 51 -11.27 9.86 -3.58
N TYR D 52 -10.81 10.45 -2.48
CA TYR D 52 -10.51 11.87 -2.52
C TYR D 52 -9.36 12.11 -3.47
N PRO D 53 -9.51 13.05 -4.43
CA PRO D 53 -8.49 13.25 -5.47
C PRO D 53 -7.34 14.16 -5.05
N VAL D 54 -7.47 14.75 -3.87
CA VAL D 54 -6.57 15.74 -3.31
C VAL D 54 -6.43 15.44 -1.83
N ASP D 55 -5.38 15.97 -1.18
CA ASP D 55 -5.33 15.97 0.29
C ASP D 55 -6.30 17.08 0.72
N TYR D 56 -7.18 16.73 1.64
CA TYR D 56 -8.34 17.58 1.91
C TYR D 56 -8.37 17.96 3.38
N GLY D 57 -8.61 19.21 3.67
CA GLY D 57 -8.75 19.60 5.07
C GLY D 57 -9.29 21.00 5.19
N ILE D 58 -8.83 21.70 6.23
CA ILE D 58 -9.41 22.99 6.59
C ILE D 58 -8.29 23.98 6.90
N ILE D 59 -8.61 25.28 6.75
CA ILE D 59 -7.69 26.31 7.18
C ILE D 59 -8.03 26.66 8.64
N PRO D 60 -7.06 26.58 9.55
CA PRO D 60 -7.37 26.88 10.96
C PRO D 60 -7.88 28.31 11.14
N GLN D 61 -8.72 28.52 12.14
N GLN D 61 -8.72 28.49 12.15
CA GLN D 61 -9.21 29.85 12.45
CA GLN D 61 -9.30 29.78 12.53
C GLN D 61 -9.85 30.52 11.23
C GLN D 61 -9.97 30.52 11.36
N THR D 62 -10.68 29.76 10.52
CA THR D 62 -11.52 30.28 9.47
C THR D 62 -12.94 29.80 9.68
N TRP D 63 -13.87 30.58 9.13
CA TRP D 63 -15.27 30.21 9.15
C TRP D 63 -15.87 30.79 7.89
N TYR D 64 -16.76 30.05 7.29
CA TYR D 64 -17.16 30.41 5.93
C TYR D 64 -18.62 30.66 5.87
N ASP D 65 -19.04 31.18 4.73
CA ASP D 65 -20.36 31.71 4.57
C ASP D 65 -21.38 30.64 4.89
N ASP D 66 -20.96 29.38 4.71
CA ASP D 66 -21.84 28.24 4.96
C ASP D 66 -21.82 27.67 6.40
N GLY D 67 -21.20 28.37 7.34
CA GLY D 67 -21.23 27.93 8.74
C GLY D 67 -20.36 26.70 9.07
N ASP D 68 -19.17 26.65 8.49
CA ASP D 68 -18.19 25.58 8.74
C ASP D 68 -16.83 26.19 8.53
N PRO D 69 -15.77 25.50 8.98
CA PRO D 69 -14.43 25.94 8.60
C PRO D 69 -14.29 26.06 7.08
N PHE D 70 -13.37 26.89 6.61
CA PHE D 70 -13.14 27.02 5.17
C PHE D 70 -12.30 25.81 4.74
N ASP D 71 -12.79 25.07 3.76
CA ASP D 71 -12.11 23.88 3.27
C ASP D 71 -11.03 24.22 2.25
N ILE D 72 -9.98 23.40 2.27
CA ILE D 72 -8.87 23.56 1.38
C ILE D 72 -8.44 22.21 0.84
N MSE D 73 -8.13 22.21 -0.44
CA MSE D 73 -7.71 21.03 -1.20
C MSE D 73 -6.28 21.28 -1.62
O MSE D 73 -6.03 22.22 -2.32
CB MSE D 73 -8.62 20.93 -2.43
CG MSE D 73 -10.08 20.85 -2.07
SE MSE D 73 -11.28 20.68 -3.62
CE MSE D 73 -10.85 22.37 -4.47
N VAL D 74 -5.37 20.43 -1.18
CA VAL D 74 -3.98 20.57 -1.49
C VAL D 74 -3.56 19.45 -2.43
N ILE D 75 -2.99 19.84 -3.55
N ILE D 75 -2.96 19.84 -3.54
CA ILE D 75 -2.50 18.87 -4.52
CA ILE D 75 -2.44 18.87 -4.50
C ILE D 75 -1.14 18.32 -4.05
C ILE D 75 -1.12 18.32 -4.01
N MSE D 76 -1.11 17.03 -3.68
CA MSE D 76 0.10 16.37 -3.16
C MSE D 76 0.37 15.17 -4.05
O MSE D 76 -0.53 14.42 -4.39
CB MSE D 76 -0.03 15.90 -1.70
CG MSE D 76 -0.01 17.01 -0.61
SE MSE D 76 1.73 17.91 -0.48
CE MSE D 76 2.79 16.48 0.34
N ARG D 77 1.64 14.95 -4.37
CA ARG D 77 2.06 13.77 -5.09
C ARG D 77 1.96 12.52 -4.19
N GLU D 78 2.59 12.56 -3.02
CA GLU D 78 2.50 11.51 -2.00
C GLU D 78 1.59 12.10 -0.91
N PRO D 79 0.49 11.41 -0.57
N PRO D 79 0.50 11.42 -0.56
CA PRO D 79 -0.41 11.89 0.48
CA PRO D 79 -0.40 12.03 0.44
C PRO D 79 0.31 12.12 1.81
C PRO D 79 0.20 12.06 1.83
N VAL D 80 -0.20 13.05 2.61
CA VAL D 80 0.24 13.16 4.00
C VAL D 80 -0.70 12.35 4.89
N TYR D 81 -0.40 12.31 6.16
CA TYR D 81 -1.21 11.66 7.16
C TYR D 81 -2.27 12.63 7.68
N PRO D 82 -3.40 12.11 8.16
CA PRO D 82 -4.34 13.04 8.80
C PRO D 82 -3.69 13.78 9.94
N LEU D 83 -4.11 15.02 10.10
CA LEU D 83 -3.63 15.95 11.12
C LEU D 83 -2.24 16.52 10.82
N THR D 84 -1.81 16.45 9.58
CA THR D 84 -0.56 17.08 9.14
C THR D 84 -0.86 18.50 8.65
N ILE D 85 0.00 19.43 9.06
CA ILE D 85 -0.01 20.78 8.56
C ILE D 85 0.83 20.88 7.28
N ILE D 86 0.27 21.50 6.25
CA ILE D 86 1.00 21.81 5.03
C ILE D 86 0.94 23.31 4.77
N GLU D 87 2.11 23.93 4.53
CA GLU D 87 2.18 25.31 4.06
CA GLU D 87 2.13 25.32 4.08
C GLU D 87 1.76 25.34 2.60
N ALA D 88 0.69 26.04 2.31
CA ALA D 88 0.02 25.93 1.03
C ALA D 88 -0.17 27.28 0.36
N ARG D 89 0.05 27.32 -0.96
CA ARG D 89 -0.19 28.49 -1.77
C ARG D 89 -1.53 28.33 -2.49
N PRO D 90 -2.50 29.20 -2.18
CA PRO D 90 -3.76 29.14 -2.91
C PRO D 90 -3.57 29.49 -4.38
N ILE D 91 -4.18 28.69 -5.26
CA ILE D 91 -4.13 28.97 -6.69
C ILE D 91 -5.49 29.11 -7.36
N GLY D 92 -6.57 28.85 -6.64
CA GLY D 92 -7.89 28.97 -7.22
C GLY D 92 -8.93 28.52 -6.22
N ILE D 93 -10.17 28.46 -6.68
CA ILE D 93 -11.26 28.17 -5.79
C ILE D 93 -12.38 27.47 -6.55
N MSE D 94 -12.88 26.37 -5.99
CA MSE D 94 -13.97 25.62 -6.60
C MSE D 94 -15.29 26.16 -6.04
O MSE D 94 -15.51 26.15 -4.82
CB MSE D 94 -13.83 24.15 -6.24
CG MSE D 94 -14.84 23.30 -6.95
SE MSE D 94 -14.73 21.41 -6.42
CE MSE D 94 -15.14 21.58 -4.53
N LYS D 95 -16.16 26.61 -6.94
CA LYS D 95 -17.39 27.28 -6.53
C LYS D 95 -18.52 26.27 -6.42
N MSE D 96 -18.36 25.38 -5.44
CA MSE D 96 -19.35 24.36 -5.14
C MSE D 96 -20.51 25.01 -4.37
O MSE D 96 -20.31 25.77 -3.41
CB MSE D 96 -18.72 23.29 -4.27
CG MSE D 96 -19.53 22.01 -4.26
SE MSE D 96 -18.85 20.68 -3.06
CE MSE D 96 -19.34 21.48 -1.48
N GLU D 97 -21.73 24.62 -4.73
CA GLU D 97 -22.90 25.10 -4.04
C GLU D 97 -23.89 23.95 -3.88
N ASP D 98 -24.14 23.57 -2.64
CA ASP D 98 -25.14 22.55 -2.35
C ASP D 98 -26.49 23.24 -2.32
N ASP D 101 -25.99 28.29 0.68
CA ASP D 101 -25.43 27.38 -0.32
C ASP D 101 -24.10 27.83 -0.93
N LYS D 102 -23.34 28.67 -0.23
CA LYS D 102 -22.00 29.04 -0.68
C LYS D 102 -20.97 28.13 0.00
N ASP D 103 -20.55 27.03 -0.64
N ASP D 103 -20.58 27.08 -0.70
CA ASP D 103 -19.71 26.00 0.01
CA ASP D 103 -19.79 25.99 -0.11
C ASP D 103 -18.40 25.85 -0.76
C ASP D 103 -18.42 25.84 -0.81
N TRP D 104 -17.85 26.97 -1.21
CA TRP D 104 -16.67 27.00 -2.05
C TRP D 104 -15.47 26.42 -1.30
N LYS D 105 -14.48 25.91 -2.05
CA LYS D 105 -13.31 25.27 -1.47
C LYS D 105 -12.06 25.78 -2.15
N VAL D 106 -11.04 26.13 -1.36
CA VAL D 106 -9.76 26.57 -1.90
C VAL D 106 -9.02 25.43 -2.54
N LEU D 107 -8.40 25.70 -3.69
CA LEU D 107 -7.41 24.81 -4.31
C LEU D 107 -6.01 25.40 -4.10
N ALA D 108 -5.09 24.56 -3.65
CA ALA D 108 -3.76 25.03 -3.28
C ALA D 108 -2.71 23.99 -3.64
N VAL D 109 -1.45 24.44 -3.65
CA VAL D 109 -0.31 23.57 -3.86
C VAL D 109 0.64 23.73 -2.68
N PRO D 110 1.43 22.71 -2.38
CA PRO D 110 2.43 22.84 -1.31
C PRO D 110 3.55 23.78 -1.70
N VAL D 111 3.85 24.74 -0.82
N VAL D 111 3.90 24.71 -0.81
CA VAL D 111 4.98 25.61 -1.04
CA VAL D 111 4.98 25.62 -1.10
C VAL D 111 6.27 24.82 -1.19
C VAL D 111 6.35 24.95 -1.01
N GLU D 112 6.41 23.75 -0.41
CA GLU D 112 7.70 23.06 -0.29
C GLU D 112 7.83 21.76 -1.09
N ASP D 113 7.02 21.63 -2.14
CA ASP D 113 7.25 20.62 -3.17
C ASP D 113 7.63 21.37 -4.44
N PRO D 114 8.91 21.29 -4.88
N PRO D 114 8.90 21.22 -4.88
CA PRO D 114 9.36 22.08 -6.01
CA PRO D 114 9.46 21.93 -6.03
C PRO D 114 8.67 21.69 -7.33
C PRO D 114 8.61 21.71 -7.28
N TYR D 115 8.02 20.52 -7.37
CA TYR D 115 7.24 20.14 -8.54
C TYR D 115 6.24 21.22 -8.91
N PHE D 116 5.69 21.88 -7.89
CA PHE D 116 4.61 22.85 -8.09
C PHE D 116 5.08 24.30 -8.12
N ASN D 117 6.39 24.55 -8.22
CA ASN D 117 6.90 25.91 -8.09
C ASN D 117 6.28 26.89 -9.07
N ASP D 118 5.92 26.43 -10.25
CA ASP D 118 5.34 27.33 -11.28
C ASP D 118 3.81 27.26 -11.34
N TRP D 119 3.20 26.57 -10.38
CA TRP D 119 1.75 26.59 -10.25
C TRP D 119 1.38 27.74 -9.34
N LYS D 120 0.81 28.79 -9.92
CA LYS D 120 0.43 29.97 -9.16
C LYS D 120 -1.00 30.44 -9.42
N ASP D 121 -1.68 29.87 -10.41
CA ASP D 121 -3.03 30.30 -10.71
C ASP D 121 -3.76 29.12 -11.33
N ILE D 122 -5.06 29.30 -11.47
CA ILE D 122 -5.95 28.24 -11.87
C ILE D 122 -5.63 27.72 -13.29
N SER D 123 -5.07 28.59 -14.14
CA SER D 123 -4.69 28.22 -15.49
C SER D 123 -3.51 27.27 -15.55
N ASP D 124 -2.82 27.07 -14.42
CA ASP D 124 -1.66 26.20 -14.40
C ASP D 124 -2.04 24.73 -14.17
N VAL D 125 -3.32 24.46 -13.89
CA VAL D 125 -3.77 23.12 -13.55
C VAL D 125 -4.32 22.44 -14.82
N PRO D 126 -3.94 21.18 -15.08
CA PRO D 126 -4.54 20.53 -16.24
C PRO D 126 -6.06 20.53 -16.18
N LYS D 127 -6.69 20.81 -17.30
CA LYS D 127 -8.15 20.91 -17.33
C LYS D 127 -8.81 19.62 -16.89
N ALA D 128 -8.25 18.48 -17.28
CA ALA D 128 -8.88 17.22 -16.89
C ALA D 128 -8.81 17.01 -15.39
N PHE D 129 -7.81 17.57 -14.72
CA PHE D 129 -7.71 17.43 -13.29
C PHE D 129 -8.77 18.29 -12.58
N LEU D 130 -8.96 19.54 -13.03
CA LEU D 130 -10.06 20.33 -12.49
C LEU D 130 -11.39 19.59 -12.73
N ASP D 131 -11.56 18.99 -13.91
CA ASP D 131 -12.80 18.28 -14.19
C ASP D 131 -12.98 17.11 -13.25
N GLU D 132 -11.91 16.38 -12.94
CA GLU D 132 -12.02 15.20 -12.07
C GLU D 132 -12.39 15.61 -10.64
N ILE D 133 -11.84 16.72 -10.16
CA ILE D 133 -12.14 17.18 -8.81
C ILE D 133 -13.60 17.60 -8.75
N ALA D 134 -14.04 18.40 -9.72
CA ALA D 134 -15.44 18.85 -9.76
C ALA D 134 -16.37 17.66 -9.84
N HIS D 135 -16.03 16.65 -10.64
CA HIS D 135 -16.93 15.51 -10.81
C HIS D 135 -17.07 14.72 -9.51
N PHE D 136 -15.97 14.55 -8.80
CA PHE D 136 -15.98 13.93 -7.51
C PHE D 136 -16.97 14.61 -6.59
N PHE D 137 -16.87 15.94 -6.46
CA PHE D 137 -17.78 16.62 -5.57
C PHE D 137 -19.22 16.64 -6.13
N GLN D 138 -19.37 16.60 -7.44
CA GLN D 138 -20.71 16.53 -8.02
C GLN D 138 -21.44 15.24 -7.69
N ARG D 139 -20.71 14.13 -7.65
CA ARG D 139 -21.33 12.81 -7.59
C ARG D 139 -21.11 12.00 -6.30
N TYR D 140 -20.18 12.41 -5.43
CA TYR D 140 -19.80 11.52 -4.35
C TYR D 140 -20.85 11.27 -3.28
N LYS D 141 -21.87 12.14 -3.22
CA LYS D 141 -22.99 11.96 -2.30
C LYS D 141 -24.30 11.66 -3.04
N GLU D 142 -24.22 11.23 -4.30
CA GLU D 142 -25.42 10.92 -5.03
C GLU D 142 -26.24 9.82 -4.40
N LEU D 143 -25.59 8.78 -3.86
CA LEU D 143 -26.30 7.70 -3.23
C LEU D 143 -26.83 8.05 -1.85
N GLN D 144 -26.50 9.25 -1.37
CA GLN D 144 -27.07 9.75 -0.15
C GLN D 144 -28.19 10.76 -0.45
N GLY D 145 -28.54 10.91 -1.72
CA GLY D 145 -29.65 11.74 -2.14
C GLY D 145 -29.33 13.21 -2.15
N LYS D 146 -28.05 13.54 -2.14
N LYS D 146 -28.05 13.54 -2.14
CA LYS D 146 -27.64 14.93 -2.16
CA LYS D 146 -27.63 14.93 -2.06
C LYS D 146 -27.29 15.25 -3.59
C LYS D 146 -27.27 15.42 -3.45
N THR D 147 -27.45 16.51 -3.95
N THR D 147 -27.74 16.61 -3.78
CA THR D 147 -27.07 16.99 -5.27
CA THR D 147 -27.42 17.23 -5.05
C THR D 147 -26.36 18.32 -5.10
C THR D 147 -26.40 18.32 -4.82
N THR D 148 -25.24 18.49 -5.80
N THR D 148 -25.66 18.64 -5.87
CA THR D 148 -24.50 19.74 -5.76
CA THR D 148 -24.65 19.68 -5.82
C THR D 148 -24.15 20.25 -7.14
C THR D 148 -24.51 20.29 -7.21
N LYS D 149 -24.17 21.57 -7.28
CA LYS D 149 -23.76 22.22 -8.51
C LYS D 149 -22.37 22.80 -8.35
N ILE D 150 -21.51 22.58 -9.34
CA ILE D 150 -20.22 23.23 -9.39
C ILE D 150 -20.37 24.44 -10.36
N GLU D 151 -20.28 25.64 -9.81
CA GLU D 151 -20.49 26.88 -10.55
C GLU D 151 -19.15 27.48 -10.99
N GLY D 152 -18.25 26.60 -11.36
CA GLY D 152 -16.99 26.98 -11.97
C GLY D 152 -15.85 27.10 -10.99
N TRP D 153 -14.74 27.59 -11.53
CA TRP D 153 -13.54 27.81 -10.75
C TRP D 153 -13.18 29.28 -10.80
N GLY D 154 -12.75 29.82 -9.68
CA GLY D 154 -12.19 31.16 -9.60
C GLY D 154 -10.69 31.10 -9.49
N ASN D 155 -10.05 32.24 -9.73
CA ASN D 155 -8.61 32.32 -9.79
C ASN D 155 -7.98 32.58 -8.43
N ALA D 156 -6.65 32.67 -8.41
CA ALA D 156 -5.90 32.82 -7.18
C ALA D 156 -6.26 34.08 -6.43
N GLU D 157 -6.43 35.17 -7.15
CA GLU D 157 -6.81 36.42 -6.52
C GLU D 157 -8.13 36.26 -5.77
N GLU D 158 -9.12 35.63 -6.42
CA GLU D 158 -10.40 35.40 -5.77
C GLU D 158 -10.27 34.50 -4.53
N ALA D 159 -9.50 33.42 -4.66
CA ALA D 159 -9.30 32.52 -3.54
C ALA D 159 -8.71 33.26 -2.33
N LYS D 160 -7.69 34.09 -2.58
CA LYS D 160 -7.04 34.82 -1.52
C LYS D 160 -7.97 35.79 -0.82
N ARG D 161 -8.81 36.46 -1.59
CA ARG D 161 -9.79 37.35 -1.00
C ARG D 161 -10.77 36.58 -0.10
N GLU D 162 -11.22 35.40 -0.58
CA GLU D 162 -12.12 34.60 0.21
C GLU D 162 -11.49 34.10 1.50
N ILE D 163 -10.21 33.76 1.45
CA ILE D 163 -9.50 33.36 2.65
C ILE D 163 -9.51 34.50 3.67
N LEU D 164 -9.24 35.72 3.24
CA LEU D 164 -9.25 36.84 4.19
C LEU D 164 -10.65 37.05 4.76
N ARG D 165 -11.68 36.90 3.93
N ARG D 165 -11.66 36.84 3.94
CA ARG D 165 -13.04 37.00 4.43
CA ARG D 165 -13.03 36.98 4.42
C ARG D 165 -13.31 35.94 5.51
C ARG D 165 -13.37 35.93 5.47
N ALA D 166 -12.82 34.73 5.29
CA ALA D 166 -13.09 33.62 6.22
C ALA D 166 -12.33 33.79 7.53
N ILE D 167 -11.13 34.37 7.48
CA ILE D 167 -10.36 34.67 8.67
C ILE D 167 -11.17 35.69 9.52
N GLU D 168 -11.78 36.65 8.85
CA GLU D 168 -12.56 37.65 9.56
C GLU D 168 -13.87 37.05 10.10
N MSE D 169 -14.51 36.17 9.35
N MSE D 169 -14.56 36.24 9.29
CA MSE D 169 -15.75 35.58 9.83
CA MSE D 169 -15.77 35.54 9.74
C MSE D 169 -15.57 34.63 11.01
C MSE D 169 -15.49 34.81 11.08
O MSE D 169 -16.51 34.35 11.76
O MSE D 169 -16.26 34.92 12.02
CB MSE D 169 -16.46 34.85 8.70
CB MSE D 169 -16.37 34.58 8.68
CG MSE D 169 -17.10 35.80 7.72
CG MSE D 169 -17.44 35.18 7.67
SE MSE D 169 -18.16 34.85 6.43
SE MSE D 169 -18.48 33.93 6.45
CE MSE D 169 -16.73 34.32 5.23
CE MSE D 169 -19.34 32.90 7.85
N TYR D 170 -14.37 34.09 11.15
CA TYR D 170 -14.04 33.32 12.35
C TYR D 170 -13.95 34.24 13.56
N LYS D 171 -13.26 35.37 13.41
CA LYS D 171 -13.16 36.34 14.49
C LYS D 171 -14.53 36.81 14.94
N GLU D 172 -15.44 37.03 13.98
CA GLU D 172 -16.78 37.49 14.32
C GLU D 172 -17.52 36.43 15.12
N LYS D 173 -17.34 35.18 14.75
CA LYS D 173 -18.10 34.11 15.36
C LYS D 173 -17.53 33.73 16.73
N PHE D 174 -16.22 33.54 16.81
CA PHE D 174 -15.61 32.99 18.01
C PHE D 174 -14.88 34.02 18.85
N GLY D 175 -14.57 35.17 18.26
CA GLY D 175 -13.78 36.19 18.91
C GLY D 175 -14.44 36.77 20.15
N MSE E 1 0.24 19.97 24.88
CA MSE E 1 1.72 20.13 24.91
C MSE E 1 2.35 19.38 23.75
O MSE E 1 1.88 18.33 23.32
CB MSE E 1 2.29 19.66 26.26
CG MSE E 1 3.80 19.87 26.43
SE MSE E 1 4.50 19.43 28.21
CE MSE E 1 2.80 19.09 29.09
N ASN E 2 3.40 19.96 23.20
CA ASN E 2 4.21 19.30 22.20
C ASN E 2 4.82 18.03 22.81
N PRO E 3 4.62 16.88 22.16
CA PRO E 3 5.13 15.64 22.77
C PRO E 3 6.65 15.60 22.94
N PHE E 4 7.36 16.38 22.15
CA PHE E 4 8.82 16.48 22.34
C PHE E 4 9.16 16.93 23.77
N HIS E 5 8.35 17.84 24.29
CA HIS E 5 8.54 18.32 25.65
C HIS E 5 7.86 17.47 26.70
N GLU E 6 6.76 16.81 26.37
CA GLU E 6 5.97 16.10 27.37
C GLU E 6 6.47 14.70 27.69
N LEU E 7 6.99 14.01 26.70
CA LEU E 7 7.47 12.66 26.90
C LEU E 7 8.89 12.62 27.53
N GLU E 8 9.15 11.69 28.44
CA GLU E 8 10.50 11.45 28.99
C GLU E 8 11.47 10.90 27.93
N PRO E 9 12.80 11.10 28.10
CA PRO E 9 13.72 10.58 27.07
C PRO E 9 13.64 9.09 26.91
N GLY E 10 13.26 8.34 27.94
CA GLY E 10 13.24 6.91 27.79
C GLY E 10 13.01 6.23 29.15
N PRO E 11 12.70 4.95 29.12
CA PRO E 11 12.44 4.21 30.36
C PRO E 11 13.69 3.64 31.08
N GLU E 12 14.84 3.58 30.41
N GLU E 12 14.81 3.56 30.37
CA GLU E 12 16.11 3.13 31.01
CA GLU E 12 16.08 3.10 30.95
C GLU E 12 17.32 3.83 30.38
C GLU E 12 17.22 3.77 30.18
N VAL E 13 17.35 5.15 30.41
N VAL E 13 17.27 5.08 30.18
CA VAL E 13 18.33 5.91 29.66
CA VAL E 13 18.29 5.78 29.40
C VAL E 13 19.75 5.67 30.14
C VAL E 13 19.64 5.50 30.03
N PRO E 14 20.71 5.46 29.21
CA PRO E 14 20.66 5.57 27.74
C PRO E 14 20.53 4.24 27.04
N GLU E 15 20.43 3.15 27.78
CA GLU E 15 20.36 1.83 27.19
C GLU E 15 19.04 1.58 26.44
N VAL E 16 17.95 2.17 26.91
CA VAL E 16 16.69 2.14 26.21
C VAL E 16 16.13 3.54 26.29
N VAL E 17 15.80 4.06 25.11
CA VAL E 17 15.24 5.38 24.97
C VAL E 17 13.90 5.27 24.27
N TYR E 18 13.09 6.30 24.40
CA TYR E 18 11.94 6.47 23.49
C TYR E 18 12.40 7.19 22.22
N ALA E 19 11.91 6.65 21.12
CA ALA E 19 12.02 7.32 19.84
C ALA E 19 10.63 7.80 19.51
N LEU E 20 10.48 9.10 19.32
N LEU E 20 10.48 9.10 19.26
CA LEU E 20 9.22 9.66 18.81
CA LEU E 20 9.21 9.68 18.82
C LEU E 20 9.40 9.78 17.31
C LEU E 20 9.24 9.89 17.31
N ILE E 21 8.68 8.94 16.57
CA ILE E 21 8.85 8.88 15.14
C ILE E 21 8.09 10.00 14.44
N GLU E 22 8.78 10.71 13.55
N GLU E 22 8.75 10.67 13.51
CA GLU E 22 8.18 11.73 12.71
CA GLU E 22 8.14 11.72 12.72
C GLU E 22 7.92 11.21 11.29
C GLU E 22 8.03 11.35 11.24
N ILE E 23 8.84 10.39 10.79
CA ILE E 23 8.83 10.00 9.39
C ILE E 23 8.91 8.49 9.28
N PRO E 24 7.85 7.86 8.77
CA PRO E 24 7.92 6.42 8.59
C PRO E 24 8.87 6.02 7.47
N LYS E 25 9.51 4.89 7.66
N LYS E 25 9.52 4.89 7.66
CA LYS E 25 10.29 4.25 6.61
CA LYS E 25 10.27 4.29 6.57
C LYS E 25 9.47 4.10 5.31
C LYS E 25 9.39 4.26 5.33
N GLY E 26 9.99 4.60 4.19
CA GLY E 26 9.30 4.56 2.91
C GLY E 26 8.71 5.88 2.46
N SER E 27 8.73 6.89 3.34
N SER E 27 8.78 6.91 3.30
CA SER E 27 8.25 8.22 3.01
CA SER E 27 8.19 8.20 2.96
C SER E 27 9.23 8.99 2.12
C SER E 27 9.17 9.12 2.25
N ARG E 28 8.69 9.72 1.16
CA ARG E 28 9.41 10.77 0.46
C ARG E 28 9.05 12.16 1.04
N ASN E 29 7.90 12.26 1.67
CA ASN E 29 7.55 13.47 2.41
C ASN E 29 8.38 13.52 3.70
N LYS E 30 9.01 14.68 3.96
CA LYS E 30 9.82 14.87 5.15
C LYS E 30 8.98 15.66 6.15
N TYR E 31 8.64 15.05 7.27
CA TYR E 31 7.81 15.63 8.31
C TYR E 31 8.66 16.11 9.47
N GLU E 32 8.14 17.09 10.16
CA GLU E 32 8.69 17.66 11.37
C GLU E 32 7.54 17.98 12.33
N LEU E 33 7.81 18.65 13.44
CA LEU E 33 6.75 19.05 14.38
C LEU E 33 6.56 20.56 14.37
N ASP E 34 5.31 20.99 14.41
CA ASP E 34 5.02 22.40 14.67
C ASP E 34 5.50 22.71 16.08
N LYS E 35 6.29 23.77 16.23
CA LYS E 35 6.90 24.03 17.53
C LYS E 35 5.90 24.23 18.65
N LYS E 36 4.89 25.08 18.45
CA LYS E 36 3.98 25.40 19.56
C LYS E 36 3.04 24.25 19.91
N THR E 37 2.53 23.56 18.88
N THR E 37 2.53 23.56 18.90
CA THR E 37 1.49 22.56 19.13
CA THR E 37 1.46 22.60 19.10
C THR E 37 1.99 21.14 19.17
C THR E 37 1.93 21.15 19.09
N GLY E 38 3.07 20.88 18.45
CA GLY E 38 3.53 19.53 18.29
C GLY E 38 2.77 18.71 17.25
N LEU E 39 1.96 19.37 16.44
N LEU E 39 1.90 19.33 16.45
CA LEU E 39 1.36 18.73 15.28
CA LEU E 39 1.28 18.61 15.33
C LEU E 39 2.44 18.24 14.34
C LEU E 39 2.33 18.31 14.28
N LEU E 40 2.15 17.20 13.58
CA LEU E 40 2.99 16.87 12.44
C LEU E 40 2.84 17.96 11.37
N LYS E 41 3.96 18.26 10.71
CA LYS E 41 4.00 19.30 9.70
C LYS E 41 4.89 18.84 8.56
N LEU E 42 4.49 19.13 7.33
CA LEU E 42 5.36 18.88 6.19
C LEU E 42 6.51 19.88 6.16
N ASP E 43 7.73 19.41 6.32
CA ASP E 43 8.91 20.24 6.12
C ASP E 43 9.12 20.49 4.63
N ARG E 44 9.25 19.41 3.87
CA ARG E 44 9.42 19.51 2.42
C ARG E 44 9.08 18.17 1.84
N VAL E 45 8.87 18.16 0.53
CA VAL E 45 8.93 16.92 -0.24
C VAL E 45 10.36 16.79 -0.72
N LEU E 46 10.99 15.64 -0.48
CA LEU E 46 12.38 15.50 -0.93
C LEU E 46 12.47 15.79 -2.43
N TYR E 47 13.54 16.46 -2.84
CA TYR E 47 13.66 16.92 -4.23
C TYR E 47 14.01 15.78 -5.19
N SER E 48 14.38 14.63 -4.64
CA SER E 48 14.75 13.45 -5.38
C SER E 48 13.90 12.28 -4.96
N PRO E 49 13.77 11.24 -5.81
CA PRO E 49 12.88 10.11 -5.51
C PRO E 49 13.57 9.14 -4.60
N PHE E 50 13.79 9.60 -3.40
N PHE E 50 14.06 9.65 -3.46
CA PHE E 50 14.43 8.84 -2.37
CA PHE E 50 14.53 8.87 -2.32
C PHE E 50 13.42 8.71 -1.25
C PHE E 50 13.35 8.58 -1.39
N PHE E 51 13.55 7.66 -0.47
CA PHE E 51 12.67 7.48 0.64
C PHE E 51 13.47 7.22 1.91
N TYR E 52 12.89 7.57 3.03
CA TYR E 52 13.58 7.35 4.28
C TYR E 52 13.80 5.85 4.47
N PRO E 53 15.03 5.43 4.76
CA PRO E 53 15.33 4.00 4.83
C PRO E 53 15.05 3.38 6.19
N VAL E 54 14.69 4.22 7.14
CA VAL E 54 14.47 3.90 8.56
C VAL E 54 13.26 4.70 9.03
N ASP E 55 12.65 4.28 10.13
CA ASP E 55 11.67 5.12 10.83
C ASP E 55 12.53 6.21 11.55
N TYR E 56 12.20 7.46 11.31
CA TYR E 56 13.06 8.58 11.69
C TYR E 56 12.34 9.52 12.63
N GLY E 57 13.03 9.94 13.67
CA GLY E 57 12.42 10.91 14.56
C GLY E 57 13.42 11.46 15.54
N ILE E 58 12.94 11.76 16.74
CA ILE E 58 13.75 12.41 17.74
C ILE E 58 13.59 11.70 19.08
N ILE E 59 14.57 11.87 19.95
CA ILE E 59 14.43 11.42 21.33
C ILE E 59 13.82 12.58 22.11
N PRO E 60 12.66 12.36 22.78
N PRO E 60 12.70 12.34 22.82
CA PRO E 60 12.08 13.46 23.53
CA PRO E 60 12.06 13.48 23.49
C PRO E 60 13.04 14.01 24.56
C PRO E 60 12.90 13.97 24.66
N GLN E 61 12.85 15.28 24.91
CA GLN E 61 13.63 15.90 25.98
C GLN E 61 15.13 15.69 25.79
N THR E 62 15.55 15.90 24.54
CA THR E 62 16.97 15.99 24.20
C THR E 62 17.23 17.25 23.39
N TRP E 63 18.48 17.71 23.46
CA TRP E 63 18.91 18.84 22.63
C TRP E 63 20.36 18.57 22.32
N TYR E 64 20.87 19.14 21.25
CA TYR E 64 22.19 18.76 20.81
C TYR E 64 22.98 19.95 20.32
N ASP E 65 24.26 19.71 20.01
CA ASP E 65 25.21 20.77 19.73
C ASP E 65 24.73 21.67 18.60
N ASP E 66 24.05 21.07 17.62
CA ASP E 66 23.59 21.81 16.47
C ASP E 66 22.28 22.58 16.68
N GLY E 67 21.80 22.65 17.91
CA GLY E 67 20.65 23.47 18.23
C GLY E 67 19.32 22.87 17.81
N ASP E 68 19.17 21.56 18.02
N ASP E 68 19.20 21.55 17.99
N ASP E 68 19.21 21.55 17.98
CA ASP E 68 17.95 20.86 17.68
CA ASP E 68 17.97 20.84 17.64
CA ASP E 68 18.04 20.78 17.57
C ASP E 68 17.86 19.59 18.52
C ASP E 68 17.86 19.59 18.51
C ASP E 68 17.82 19.67 18.61
N PRO E 69 16.66 19.00 18.58
CA PRO E 69 16.53 17.70 19.26
C PRO E 69 17.53 16.70 18.71
N PHE E 70 17.87 15.69 19.51
CA PHE E 70 18.76 14.64 19.04
C PHE E 70 17.97 13.64 18.19
N ASP E 71 18.42 13.46 16.95
CA ASP E 71 17.72 12.60 16.01
C ASP E 71 18.05 11.12 16.26
N ILE E 72 17.05 10.28 15.96
CA ILE E 72 17.17 8.86 16.10
C ILE E 72 16.49 8.16 14.93
N MSE E 73 17.17 7.09 14.49
CA MSE E 73 16.79 6.29 13.34
C MSE E 73 16.51 4.89 13.88
O MSE E 73 17.42 4.27 14.43
CB MSE E 73 17.97 6.24 12.36
CG MSE E 73 18.41 7.61 11.91
SE MSE E 73 19.91 7.63 10.65
CE MSE E 73 21.21 6.86 11.78
N VAL E 74 15.28 4.41 13.73
CA VAL E 74 14.90 3.10 14.25
C VAL E 74 14.68 2.15 13.08
N ILE E 75 15.36 1.03 13.10
CA ILE E 75 15.21 0.02 12.09
C ILE E 75 13.94 -0.77 12.33
N MSE E 76 12.93 -0.65 11.46
N MSE E 76 13.07 -0.75 11.36
CA MSE E 76 11.62 -1.32 11.64
CA MSE E 76 11.79 -1.38 11.49
C MSE E 76 11.23 -2.06 10.39
C MSE E 76 11.58 -2.29 10.31
O MSE E 76 11.28 -1.50 9.33
O MSE E 76 12.13 -2.07 9.21
CB MSE E 76 10.48 -0.34 11.87
CB MSE E 76 10.70 -0.32 11.53
CG MSE E 76 10.46 0.29 13.21
CG MSE E 76 11.09 0.86 12.36
SE MSE E 76 10.00 -0.91 14.69
SE MSE E 76 9.81 1.15 13.76
CE MSE E 76 8.12 -1.28 14.37
CE MSE E 76 9.81 -0.61 14.58
N ARG E 77 10.81 -3.32 10.56
CA ARG E 77 10.35 -4.13 9.47
C ARG E 77 9.08 -3.55 8.82
N GLU E 78 8.03 -3.31 9.60
CA GLU E 78 6.80 -2.64 9.19
C GLU E 78 6.89 -1.22 9.78
N PRO E 79 6.78 -0.18 8.94
N PRO E 79 6.76 -0.17 8.96
CA PRO E 79 6.82 1.18 9.46
CA PRO E 79 6.92 1.16 9.54
C PRO E 79 5.73 1.44 10.50
C PRO E 79 5.74 1.57 10.39
N VAL E 80 6.03 2.37 11.40
CA VAL E 80 5.01 2.90 12.29
C VAL E 80 4.37 4.17 11.70
N TYR E 81 3.39 4.71 12.35
CA TYR E 81 2.77 5.95 11.97
C TYR E 81 3.48 7.13 12.60
N PRO E 82 3.42 8.31 11.95
CA PRO E 82 4.04 9.47 12.63
C PRO E 82 3.41 9.69 13.99
N LEU E 83 4.23 10.15 14.92
CA LEU E 83 3.88 10.43 16.32
C LEU E 83 3.76 9.15 17.16
N THR E 84 4.28 8.02 16.68
CA THR E 84 4.34 6.81 17.47
C THR E 84 5.62 6.76 18.27
N ILE E 85 5.49 6.34 19.53
CA ILE E 85 6.63 6.07 20.39
C ILE E 85 7.12 4.65 20.22
N ILE E 86 8.43 4.48 20.05
CA ILE E 86 9.06 3.15 20.02
C ILE E 86 10.09 3.09 21.13
N GLU E 87 10.01 2.05 21.97
CA GLU E 87 11.09 1.77 22.89
CA GLU E 87 11.10 1.76 22.91
C GLU E 87 12.27 1.20 22.10
N ALA E 88 13.40 1.89 22.13
CA ALA E 88 14.51 1.67 21.22
C ALA E 88 15.83 1.44 21.95
N ARG E 89 16.58 0.46 21.48
CA ARG E 89 17.90 0.18 21.98
C ARG E 89 18.93 0.81 21.02
N PRO E 90 19.70 1.82 21.49
CA PRO E 90 20.75 2.38 20.64
C PRO E 90 21.80 1.33 20.34
N ILE E 91 22.22 1.24 19.08
CA ILE E 91 23.28 0.33 18.72
C ILE E 91 24.47 1.01 18.02
N GLY E 92 24.36 2.30 17.73
CA GLY E 92 25.44 3.02 17.09
C GLY E 92 25.04 4.43 16.76
N ILE E 93 25.91 5.14 16.07
CA ILE E 93 25.67 6.54 15.79
C ILE E 93 26.32 6.94 14.44
N MSE E 94 25.57 7.62 13.60
CA MSE E 94 26.04 8.10 12.32
C MSE E 94 26.63 9.48 12.53
O MSE E 94 25.95 10.38 13.02
CB MSE E 94 24.87 8.19 11.35
CG MSE E 94 25.29 8.48 9.94
SE MSE E 94 23.81 8.64 8.73
CE MSE E 94 22.96 10.19 9.43
N LYS E 95 27.89 9.64 12.17
CA LYS E 95 28.58 10.90 12.42
C LYS E 95 28.44 11.78 11.20
N MSE E 96 27.46 12.65 11.26
CA MSE E 96 27.16 13.53 10.17
C MSE E 96 27.59 14.94 10.63
O MSE E 96 28.21 15.70 9.86
CB MSE E 96 25.67 13.47 9.84
CG MSE E 96 25.40 14.05 8.51
SE MSE E 96 23.53 13.96 8.36
CE MSE E 96 22.89 15.50 9.34
N LYS E 102 28.17 19.53 14.82
CA LYS E 102 27.92 18.13 15.18
C LYS E 102 26.44 17.82 14.99
N ASP E 103 26.12 17.00 13.99
CA ASP E 103 24.73 16.67 13.65
C ASP E 103 24.51 15.17 13.59
N TRP E 104 25.16 14.47 14.50
CA TRP E 104 25.16 13.03 14.55
C TRP E 104 23.76 12.53 14.80
N LYS E 105 23.48 11.30 14.41
CA LYS E 105 22.18 10.70 14.61
C LYS E 105 22.30 9.29 15.18
N VAL E 106 21.49 8.97 16.17
CA VAL E 106 21.50 7.68 16.77
C VAL E 106 20.88 6.63 15.85
N LEU E 107 21.48 5.44 15.78
CA LEU E 107 20.87 4.28 15.14
C LEU E 107 20.41 3.31 16.23
N ALA E 108 19.18 2.82 16.08
CA ALA E 108 18.61 1.99 17.13
C ALA E 108 17.71 0.90 16.56
N VAL E 109 17.41 -0.10 17.37
CA VAL E 109 16.46 -1.15 17.01
C VAL E 109 15.32 -1.19 18.04
N PRO E 110 14.15 -1.66 17.63
CA PRO E 110 13.07 -1.80 18.61
C PRO E 110 13.30 -2.91 19.61
N VAL E 111 13.14 -2.56 20.88
N VAL E 111 13.11 -2.60 20.89
CA VAL E 111 13.25 -3.55 21.94
CA VAL E 111 13.30 -3.60 21.93
C VAL E 111 12.27 -4.69 21.73
C VAL E 111 12.17 -4.63 21.95
N GLU E 112 11.06 -4.35 21.29
CA GLU E 112 9.94 -5.32 21.27
C GLU E 112 9.66 -5.92 19.90
N ASP E 113 10.64 -5.94 19.00
CA ASP E 113 10.59 -6.82 17.84
C ASP E 113 11.67 -7.88 18.02
N PRO E 114 11.30 -9.14 18.25
N PRO E 114 11.25 -9.14 18.20
CA PRO E 114 12.31 -10.16 18.56
CA PRO E 114 12.14 -10.28 18.47
C PRO E 114 13.26 -10.45 17.39
C PRO E 114 13.23 -10.39 17.41
N TYR E 115 12.87 -10.04 16.19
CA TYR E 115 13.78 -10.16 15.06
C TYR E 115 15.13 -9.54 15.35
N PHE E 116 15.13 -8.44 16.11
CA PHE E 116 16.36 -7.69 16.37
C PHE E 116 17.03 -8.01 17.72
N ASN E 117 16.62 -9.09 18.37
CA ASN E 117 17.08 -9.34 19.73
C ASN E 117 18.59 -9.40 19.87
N ASP E 118 19.26 -9.90 18.84
CA ASP E 118 20.69 -10.04 18.89
C ASP E 118 21.43 -8.86 18.27
N TRP E 119 20.70 -7.81 17.88
CA TRP E 119 21.37 -6.61 17.42
C TRP E 119 21.61 -5.70 18.62
N LYS E 120 22.87 -5.59 19.01
CA LYS E 120 23.25 -4.84 20.19
C LYS E 120 24.35 -3.83 19.93
N ASP E 121 24.98 -3.93 18.77
CA ASP E 121 26.05 -3.00 18.45
C ASP E 121 26.12 -2.80 16.93
N ILE E 122 26.93 -1.84 16.52
CA ILE E 122 26.96 -1.41 15.15
C ILE E 122 27.43 -2.54 14.22
N SER E 123 28.21 -3.46 14.76
CA SER E 123 28.71 -4.60 13.99
C SER E 123 27.65 -5.62 13.66
N ASP E 124 26.45 -5.49 14.23
CA ASP E 124 25.36 -6.42 13.94
C ASP E 124 24.57 -6.04 12.70
N VAL E 125 24.82 -4.84 12.17
CA VAL E 125 24.05 -4.33 11.02
C VAL E 125 24.75 -4.69 9.72
N PRO E 126 24.02 -5.20 8.71
CA PRO E 126 24.71 -5.44 7.43
C PRO E 126 25.39 -4.18 6.88
N LYS E 127 26.62 -4.31 6.38
CA LYS E 127 27.37 -3.16 5.89
CA LYS E 127 27.34 -3.13 5.93
C LYS E 127 26.61 -2.42 4.80
N ALA E 128 25.96 -3.18 3.92
CA ALA E 128 25.26 -2.55 2.82
C ALA E 128 24.15 -1.67 3.34
N PHE E 129 23.57 -2.04 4.48
CA PHE E 129 22.49 -1.24 5.02
C PHE E 129 23.03 0.05 5.63
N LEU E 130 24.13 -0.02 6.40
CA LEU E 130 24.75 1.23 6.85
C LEU E 130 25.13 2.11 5.66
N ASP E 131 25.65 1.52 4.58
CA ASP E 131 26.02 2.31 3.41
C ASP E 131 24.80 2.99 2.79
N GLU E 132 23.67 2.28 2.76
CA GLU E 132 22.46 2.84 2.15
C GLU E 132 21.96 4.02 2.94
N ILE E 133 22.05 3.92 4.27
CA ILE E 133 21.61 5.01 5.14
C ILE E 133 22.52 6.22 4.95
N ALA E 134 23.82 6.00 4.98
CA ALA E 134 24.74 7.08 4.81
C ALA E 134 24.56 7.75 3.46
N HIS E 135 24.31 6.95 2.41
CA HIS E 135 24.17 7.49 1.07
C HIS E 135 22.94 8.37 0.99
N PHE E 136 21.85 7.92 1.60
CA PHE E 136 20.64 8.74 1.66
C PHE E 136 20.94 10.11 2.25
N PHE E 137 21.60 10.15 3.42
CA PHE E 137 21.86 11.45 4.04
C PHE E 137 22.89 12.27 3.27
N GLN E 138 23.80 11.60 2.56
CA GLN E 138 24.78 12.28 1.73
C GLN E 138 24.13 13.01 0.56
N ARG E 139 23.11 12.39 -0.04
CA ARG E 139 22.63 12.86 -1.35
C ARG E 139 21.20 13.41 -1.33
N TYR E 140 20.43 13.21 -0.27
CA TYR E 140 19.02 13.55 -0.36
C TYR E 140 18.71 15.04 -0.51
N LYS E 141 19.66 15.91 -0.13
CA LYS E 141 19.50 17.34 -0.33
C LYS E 141 20.42 17.88 -1.41
N GLU E 142 20.97 17.01 -2.27
CA GLU E 142 21.88 17.47 -3.30
C GLU E 142 21.23 18.50 -4.23
N LEU E 143 19.99 18.28 -4.60
CA LEU E 143 19.30 19.21 -5.50
C LEU E 143 18.90 20.51 -4.83
N GLN E 144 19.10 20.60 -3.51
CA GLN E 144 18.90 21.84 -2.78
C GLN E 144 20.21 22.57 -2.53
N GLY E 145 21.29 22.10 -3.13
CA GLY E 145 22.57 22.78 -3.08
C GLY E 145 23.30 22.52 -1.79
N LYS E 146 22.86 21.52 -1.03
N LYS E 146 22.86 21.52 -1.03
CA LYS E 146 23.47 21.27 0.27
CA LYS E 146 23.47 21.26 0.27
C LYS E 146 24.48 20.16 0.12
C LYS E 146 24.48 20.15 0.12
N THR E 147 25.51 20.19 0.95
N THR E 147 25.45 20.10 1.01
CA THR E 147 26.42 19.07 1.00
CA THR E 147 26.40 19.02 1.01
C THR E 147 26.52 18.59 2.43
C THR E 147 26.70 18.62 2.45
N THR E 148 26.88 17.33 2.59
N THR E 148 26.82 17.32 2.69
CA THR E 148 27.16 16.75 3.88
CA THR E 148 27.15 16.80 4.01
C THR E 148 28.21 15.67 3.72
C THR E 148 28.05 15.58 3.92
N LYS E 149 29.16 15.65 4.63
CA LYS E 149 30.10 14.55 4.71
C LYS E 149 29.62 13.60 5.80
N ILE E 150 29.60 12.31 5.54
CA ILE E 150 29.35 11.33 6.59
C ILE E 150 30.70 10.85 7.08
N GLU E 151 31.01 11.14 8.35
N GLU E 151 31.05 11.15 8.32
CA GLU E 151 32.32 10.92 8.94
CA GLU E 151 32.40 10.85 8.76
C GLU E 151 32.50 9.50 9.47
C GLU E 151 32.58 9.36 8.99
N GLY E 152 31.50 8.66 9.30
CA GLY E 152 31.59 7.26 9.68
C GLY E 152 30.57 6.93 10.76
N TRP E 153 30.73 5.77 11.38
CA TRP E 153 29.78 5.28 12.37
C TRP E 153 30.49 5.00 13.68
N GLY E 154 29.88 5.42 14.78
CA GLY E 154 30.35 5.05 16.10
C GLY E 154 29.53 3.91 16.68
N ASN E 155 30.07 3.30 17.74
CA ASN E 155 29.49 2.13 18.33
C ASN E 155 28.45 2.50 19.37
N ALA E 156 27.85 1.47 19.95
CA ALA E 156 26.75 1.68 20.89
C ALA E 156 27.20 2.45 22.12
N GLU E 157 28.39 2.19 22.60
CA GLU E 157 28.88 2.92 23.76
C GLU E 157 28.99 4.40 23.46
N GLU E 158 29.49 4.75 22.28
CA GLU E 158 29.59 6.16 21.91
C GLU E 158 28.20 6.77 21.77
N ALA E 159 27.29 6.04 21.15
CA ALA E 159 25.93 6.55 20.99
C ALA E 159 25.33 6.87 22.35
N LYS E 160 25.52 5.98 23.30
N LYS E 160 25.56 5.98 23.31
CA LYS E 160 24.93 6.17 24.61
CA LYS E 160 24.99 6.10 24.64
C LYS E 160 25.54 7.38 25.33
C LYS E 160 25.58 7.28 25.42
N ARG E 161 26.86 7.56 25.19
CA ARG E 161 27.48 8.75 25.78
C ARG E 161 26.87 10.02 25.21
N GLU E 162 26.65 10.04 23.90
CA GLU E 162 26.08 11.21 23.26
C GLU E 162 24.64 11.43 23.71
N ILE E 163 23.88 10.35 23.90
CA ILE E 163 22.50 10.47 24.38
C ILE E 163 22.51 11.14 25.76
N LEU E 164 23.41 10.72 26.65
CA LEU E 164 23.47 11.36 27.95
C LEU E 164 23.80 12.84 27.84
N ARG E 165 24.71 13.21 26.94
CA ARG E 165 25.02 14.62 26.72
C ARG E 165 23.78 15.38 26.29
N ALA E 166 23.02 14.78 25.38
CA ALA E 166 21.84 15.43 24.82
C ALA E 166 20.70 15.59 25.84
N ILE E 167 20.55 14.61 26.71
CA ILE E 167 19.58 14.70 27.81
C ILE E 167 19.97 15.86 28.72
N GLU E 168 21.26 15.98 29.03
CA GLU E 168 21.71 17.08 29.85
C GLU E 168 21.51 18.44 29.18
N MSE E 169 21.82 18.55 27.88
N MSE E 169 21.83 18.55 27.89
CA MSE E 169 21.66 19.82 27.16
CA MSE E 169 21.65 19.81 27.22
C MSE E 169 20.22 20.28 27.09
C MSE E 169 20.22 20.25 27.25
O MSE E 169 19.95 21.47 27.08
O MSE E 169 19.95 21.42 27.50
CB MSE E 169 22.29 19.75 25.77
CB MSE E 169 22.21 19.74 25.81
CG MSE E 169 23.79 20.03 25.77
CG MSE E 169 23.72 19.58 25.85
SE MSE E 169 24.59 19.98 23.99
SE MSE E 169 24.48 19.38 24.11
CE MSE E 169 24.65 18.04 23.78
CE MSE E 169 23.99 21.13 23.37
N TYR E 170 19.28 19.33 27.01
CA TYR E 170 17.86 19.70 27.09
C TYR E 170 17.50 20.26 28.48
N LYS E 171 17.93 19.58 29.54
CA LYS E 171 17.62 20.05 30.89
C LYS E 171 18.20 21.44 31.10
N GLU E 172 19.39 21.66 30.55
CA GLU E 172 20.04 22.96 30.71
C GLU E 172 19.34 24.07 29.95
N LYS E 173 18.90 23.80 28.72
CA LYS E 173 18.30 24.84 27.92
C LYS E 173 16.87 25.13 28.38
N PHE E 174 16.10 24.07 28.67
CA PHE E 174 14.67 24.21 28.91
C PHE E 174 14.27 24.14 30.39
N GLY E 175 15.14 23.66 31.25
CA GLY E 175 14.86 23.58 32.68
C GLY E 175 13.91 22.46 33.04
N MSE F 1 0.01 -17.67 -26.47
CA MSE F 1 -1.45 -17.79 -26.70
C MSE F 1 -2.22 -16.90 -25.74
O MSE F 1 -1.87 -16.79 -24.57
CB MSE F 1 -1.89 -19.23 -26.52
CG MSE F 1 -3.29 -19.50 -26.95
SE MSE F 1 -3.56 -21.37 -27.39
CE MSE F 1 -5.45 -21.22 -27.58
N ASN F 2 -3.28 -16.28 -26.24
CA ASN F 2 -4.12 -15.43 -25.42
C ASN F 2 -4.90 -16.31 -24.47
N PRO F 3 -4.77 -16.06 -23.15
CA PRO F 3 -5.45 -16.93 -22.20
C PRO F 3 -6.97 -16.92 -22.31
N PHE F 4 -7.53 -15.85 -22.85
CA PHE F 4 -8.97 -15.82 -23.09
C PHE F 4 -9.41 -16.98 -24.02
N HIS F 5 -8.59 -17.29 -25.02
CA HIS F 5 -8.87 -18.39 -25.93
C HIS F 5 -8.37 -19.74 -25.40
N GLU F 6 -7.31 -19.74 -24.60
CA GLU F 6 -6.70 -21.01 -24.20
C GLU F 6 -7.37 -21.68 -22.99
N LEU F 7 -7.80 -20.88 -22.02
CA LEU F 7 -8.38 -21.44 -20.82
C LEU F 7 -9.80 -21.86 -21.13
N GLU F 8 -10.32 -22.82 -20.39
N GLU F 8 -10.29 -22.89 -20.43
CA GLU F 8 -11.73 -23.21 -20.51
CA GLU F 8 -11.69 -23.27 -20.52
C GLU F 8 -12.64 -22.21 -19.81
C GLU F 8 -12.54 -22.34 -19.67
N PRO F 9 -13.96 -22.23 -20.15
N PRO F 9 -13.84 -22.23 -19.99
CA PRO F 9 -14.83 -21.32 -19.40
CA PRO F 9 -14.75 -21.29 -19.34
C PRO F 9 -14.84 -21.57 -17.88
C PRO F 9 -14.97 -21.59 -17.86
N GLY F 10 -14.67 -22.81 -17.44
CA GLY F 10 -14.74 -23.11 -16.03
C GLY F 10 -14.68 -24.61 -15.78
N PRO F 11 -14.54 -24.99 -14.50
CA PRO F 11 -14.42 -26.41 -14.16
C PRO F 11 -15.77 -27.09 -13.91
N GLU F 12 -16.84 -26.33 -13.70
CA GLU F 12 -18.19 -26.90 -13.52
C GLU F 12 -19.23 -25.90 -13.96
N VAL F 13 -19.18 -25.50 -15.22
CA VAL F 13 -20.05 -24.41 -15.66
C VAL F 13 -21.50 -24.86 -15.63
N PRO F 14 -22.40 -23.93 -15.27
CA PRO F 14 -22.19 -22.54 -14.87
C PRO F 14 -22.13 -22.35 -13.35
N GLU F 15 -22.10 -23.43 -12.59
CA GLU F 15 -22.03 -23.35 -11.12
C GLU F 15 -20.70 -22.79 -10.61
N VAL F 16 -19.63 -23.16 -11.31
CA VAL F 16 -18.30 -22.62 -11.06
C VAL F 16 -17.67 -22.33 -12.40
N VAL F 17 -17.25 -21.08 -12.57
CA VAL F 17 -16.60 -20.61 -13.78
C VAL F 17 -15.21 -20.11 -13.42
N TYR F 18 -14.37 -20.00 -14.43
CA TYR F 18 -13.12 -19.27 -14.28
C TYR F 18 -13.34 -17.79 -14.59
N ALA F 19 -12.84 -16.95 -13.70
CA ALA F 19 -12.75 -15.54 -13.95
C ALA F 19 -11.27 -15.24 -14.17
N LEU F 20 -10.94 -14.75 -15.36
N LEU F 20 -10.95 -14.69 -15.33
CA LEU F 20 -9.61 -14.26 -15.63
CA LEU F 20 -9.59 -14.25 -15.64
C LEU F 20 -9.66 -12.78 -15.30
C LEU F 20 -9.52 -12.74 -15.39
N ILE F 21 -8.94 -12.40 -14.24
CA ILE F 21 -9.00 -11.02 -13.75
C ILE F 21 -8.09 -10.12 -14.55
N GLU F 22 -8.62 -8.97 -14.99
CA GLU F 22 -7.86 -7.93 -15.65
C GLU F 22 -7.56 -6.74 -14.72
N ILE F 23 -8.51 -6.41 -13.85
CA ILE F 23 -8.41 -5.19 -13.06
C ILE F 23 -8.66 -5.53 -11.60
N PRO F 24 -7.65 -5.34 -10.74
CA PRO F 24 -7.83 -5.57 -9.31
C PRO F 24 -8.74 -4.50 -8.70
N LYS F 25 -9.53 -4.92 -7.73
N LYS F 25 -9.52 -4.93 -7.73
CA LYS F 25 -10.33 -3.97 -6.96
CA LYS F 25 -10.27 -3.98 -6.93
C LYS F 25 -9.41 -2.92 -6.34
C LYS F 25 -9.30 -2.89 -6.48
N GLY F 26 -9.76 -1.64 -6.51
CA GLY F 26 -8.97 -0.53 -6.03
C GLY F 26 -8.19 0.20 -7.11
N SER F 27 -8.21 -0.32 -8.33
N SER F 27 -8.21 -0.30 -8.34
CA SER F 27 -7.53 0.31 -9.46
CA SER F 27 -7.46 0.33 -9.42
C SER F 27 -8.34 1.48 -10.02
C SER F 27 -8.26 1.38 -10.17
N ARG F 28 -7.65 2.56 -10.37
CA ARG F 28 -8.20 3.60 -11.24
C ARG F 28 -7.73 3.38 -12.69
N ASN F 29 -6.63 2.66 -12.87
CA ASN F 29 -6.21 2.26 -14.20
C ASN F 29 -7.12 1.14 -14.68
N LYS F 30 -7.65 1.30 -15.90
CA LYS F 30 -8.54 0.32 -16.51
C LYS F 30 -7.71 -0.49 -17.47
N TYR F 31 -7.51 -1.75 -17.15
CA TYR F 31 -6.70 -2.66 -17.96
C TYR F 31 -7.59 -3.56 -18.81
N GLU F 32 -7.03 -4.04 -19.91
CA GLU F 32 -7.67 -4.96 -20.82
C GLU F 32 -6.57 -5.91 -21.33
N LEU F 33 -6.95 -6.88 -22.14
N LEU F 33 -6.93 -6.83 -22.22
CA LEU F 33 -5.97 -7.76 -22.77
CA LEU F 33 -5.99 -7.82 -22.74
C LEU F 33 -5.68 -7.31 -24.19
C LEU F 33 -5.68 -7.58 -24.23
N ASP F 34 -4.41 -7.32 -24.56
CA ASP F 34 -4.03 -7.12 -25.96
C ASP F 34 -4.54 -8.32 -26.73
N LYS F 35 -5.25 -8.08 -27.83
CA LYS F 35 -5.92 -9.17 -28.53
C LYS F 35 -4.91 -10.16 -29.08
N LYS F 36 -3.84 -9.65 -29.68
CA LYS F 36 -2.87 -10.49 -30.37
C LYS F 36 -1.97 -11.31 -29.42
N THR F 37 -1.53 -10.68 -28.34
N THR F 37 -1.54 -10.67 -28.33
CA THR F 37 -0.54 -11.32 -27.47
CA THR F 37 -0.52 -11.26 -27.47
C THR F 37 -1.11 -11.80 -26.15
C THR F 37 -1.05 -11.69 -26.11
N GLY F 38 -2.24 -11.23 -25.74
CA GLY F 38 -2.81 -11.55 -24.44
C GLY F 38 -2.11 -10.88 -23.27
N LEU F 39 -1.18 -9.97 -23.54
N LEU F 39 -1.18 -9.98 -23.56
CA LEU F 39 -0.57 -9.20 -22.46
CA LEU F 39 -0.58 -9.16 -22.51
C LEU F 39 -1.53 -8.14 -21.92
C LEU F 39 -1.64 -8.27 -21.87
N LEU F 40 -1.38 -7.84 -20.64
CA LEU F 40 -2.17 -6.79 -20.02
C LEU F 40 -1.83 -5.49 -20.73
N LYS F 41 -2.84 -4.66 -20.92
CA LYS F 41 -2.70 -3.39 -21.59
C LYS F 41 -3.52 -2.34 -20.87
N LEU F 42 -2.99 -1.14 -20.73
CA LEU F 42 -3.76 -0.03 -20.21
C LEU F 42 -4.77 0.41 -21.25
N ASP F 43 -6.05 0.26 -20.96
CA ASP F 43 -7.10 0.81 -21.83
C ASP F 43 -7.16 2.32 -21.65
N ARG F 44 -7.37 2.74 -20.41
CA ARG F 44 -7.37 4.17 -20.08
C ARG F 44 -7.16 4.31 -18.59
N VAL F 45 -6.85 5.54 -18.18
CA VAL F 45 -6.99 5.95 -16.79
C VAL F 45 -8.40 6.54 -16.65
N LEU F 46 -9.17 6.07 -15.68
CA LEU F 46 -10.52 6.58 -15.54
C LEU F 46 -10.44 8.11 -15.38
N TYR F 47 -11.39 8.81 -16.00
CA TYR F 47 -11.35 10.27 -16.04
C TYR F 47 -11.71 10.91 -14.69
N SER F 48 -12.25 10.12 -13.78
CA SER F 48 -12.72 10.55 -12.47
C SER F 48 -11.98 9.73 -11.41
N PRO F 49 -11.91 10.25 -10.17
CA PRO F 49 -11.18 9.53 -9.11
C PRO F 49 -12.05 8.44 -8.49
N PHE F 50 -12.29 7.44 -9.30
N PHE F 50 -12.46 7.51 -9.36
CA PHE F 50 -13.09 6.30 -8.94
CA PHE F 50 -13.15 6.27 -9.01
C PHE F 50 -12.17 5.09 -9.10
C PHE F 50 -12.10 5.16 -8.95
N PHE F 51 -12.49 4.04 -8.36
CA PHE F 51 -11.75 2.83 -8.49
C PHE F 51 -12.70 1.68 -8.68
N TYR F 52 -12.21 0.62 -9.31
CA TYR F 52 -13.03 -0.55 -9.51
C TYR F 52 -13.40 -1.15 -8.16
N PRO F 53 -14.69 -1.41 -7.93
CA PRO F 53 -15.11 -1.86 -6.60
C PRO F 53 -15.03 -3.37 -6.40
N VAL F 54 -14.65 -4.07 -7.45
CA VAL F 54 -14.58 -5.52 -7.52
C VAL F 54 -13.36 -5.87 -8.35
N ASP F 55 -12.82 -7.08 -8.17
N ASP F 55 -12.93 -7.13 -8.23
CA ASP F 55 -11.87 -7.60 -9.15
CA ASP F 55 -11.93 -7.66 -9.17
C ASP F 55 -12.73 -7.75 -10.42
C ASP F 55 -12.64 -8.00 -10.49
N TYR F 56 -12.19 -7.39 -11.57
CA TYR F 56 -12.97 -7.32 -12.81
C TYR F 56 -12.23 -8.07 -13.91
N GLY F 57 -12.93 -8.91 -14.65
CA GLY F 57 -12.29 -9.60 -15.75
C GLY F 57 -13.30 -10.27 -16.64
N ILE F 58 -12.90 -11.40 -17.23
CA ILE F 58 -13.68 -12.04 -18.27
C ILE F 58 -13.76 -13.51 -18.02
N ILE F 59 -14.82 -14.13 -18.54
CA ILE F 59 -14.92 -15.59 -18.55
C ILE F 59 -14.32 -16.08 -19.88
N PRO F 60 -13.32 -16.99 -19.83
CA PRO F 60 -12.70 -17.47 -21.08
C PRO F 60 -13.72 -18.18 -21.97
N GLN F 61 -13.44 -18.13 -23.28
CA GLN F 61 -14.25 -18.84 -24.25
C GLN F 61 -15.75 -18.53 -24.12
N THR F 62 -16.05 -17.24 -24.04
CA THR F 62 -17.41 -16.73 -24.10
C THR F 62 -17.52 -15.69 -25.20
N TRP F 63 -18.73 -15.58 -25.75
CA TRP F 63 -19.03 -14.66 -26.85
C TRP F 63 -20.34 -13.99 -26.49
N TYR F 64 -20.23 -12.70 -26.18
CA TYR F 64 -21.33 -11.87 -25.74
C TYR F 64 -21.52 -10.70 -26.73
N ASP F 65 -22.76 -10.27 -26.93
CA ASP F 65 -23.04 -9.12 -27.78
C ASP F 65 -22.24 -9.20 -29.09
N ASP F 66 -21.34 -8.24 -29.30
CA ASP F 66 -20.63 -8.10 -30.56
C ASP F 66 -19.43 -9.04 -30.71
N GLY F 67 -19.39 -10.10 -29.91
CA GLY F 67 -18.30 -11.06 -29.97
C GLY F 67 -17.26 -10.79 -28.91
N ASP F 68 -17.64 -10.00 -27.92
CA ASP F 68 -16.73 -9.69 -26.83
C ASP F 68 -16.83 -10.79 -25.78
N PRO F 69 -15.77 -10.94 -25.01
CA PRO F 69 -15.86 -11.82 -23.84
C PRO F 69 -16.95 -11.37 -22.86
N PHE F 70 -17.54 -12.31 -22.14
CA PHE F 70 -18.51 -11.98 -21.11
C PHE F 70 -17.76 -11.49 -19.85
N ASP F 71 -18.12 -10.30 -19.37
CA ASP F 71 -17.47 -9.71 -18.20
C ASP F 71 -17.97 -10.34 -16.90
N ILE F 72 -17.06 -10.46 -15.95
CA ILE F 72 -17.37 -11.00 -14.64
C ILE F 72 -16.68 -10.16 -13.57
N MSE F 73 -17.41 -9.96 -12.48
CA MSE F 73 -16.97 -9.20 -11.33
C MSE F 73 -16.90 -10.14 -10.18
O MSE F 73 -17.90 -10.75 -9.83
CB MSE F 73 -18.02 -8.13 -11.06
CG MSE F 73 -18.24 -7.21 -12.26
SE MSE F 73 -19.57 -5.80 -11.95
CE MSE F 73 -21.15 -6.88 -11.67
N VAL F 74 -15.71 -10.27 -9.58
CA VAL F 74 -15.53 -11.16 -8.46
C VAL F 74 -15.30 -10.34 -7.19
N ILE F 75 -16.07 -10.61 -6.17
CA ILE F 75 -15.90 -9.94 -4.89
C ILE F 75 -14.74 -10.59 -4.15
N MSE F 76 -13.64 -9.87 -3.99
CA MSE F 76 -12.44 -10.33 -3.27
C MSE F 76 -12.16 -9.39 -2.11
O MSE F 76 -12.20 -8.17 -2.25
CB MSE F 76 -11.19 -10.40 -4.20
CG MSE F 76 -11.20 -11.52 -5.28
SE MSE F 76 -11.07 -13.32 -4.45
CE MSE F 76 -9.26 -13.28 -3.86
N ARG F 77 -11.81 -9.98 -0.97
CA ARG F 77 -11.37 -9.19 0.17
C ARG F 77 -9.99 -8.54 -0.08
N GLU F 78 -9.02 -9.36 -0.47
N GLU F 78 -8.99 -9.33 -0.46
CA GLU F 78 -7.69 -8.93 -0.91
CA GLU F 78 -7.72 -8.74 -0.87
C GLU F 78 -7.70 -9.04 -2.44
C GLU F 78 -7.57 -9.01 -2.36
N PRO F 79 -7.42 -7.95 -3.16
CA PRO F 79 -7.42 -8.05 -4.62
C PRO F 79 -6.38 -9.05 -5.12
N VAL F 80 -6.62 -9.65 -6.27
CA VAL F 80 -5.61 -10.45 -6.92
C VAL F 80 -4.82 -9.59 -7.90
N TYR F 81 -3.80 -10.17 -8.50
CA TYR F 81 -3.01 -9.54 -9.54
C TYR F 81 -3.66 -9.72 -10.90
N PRO F 82 -3.43 -8.78 -11.83
CA PRO F 82 -3.95 -9.02 -13.18
C PRO F 82 -3.41 -10.32 -13.74
N LEU F 83 -4.26 -10.98 -14.52
CA LEU F 83 -4.01 -12.27 -15.18
C LEU F 83 -4.09 -13.45 -14.23
N THR F 84 -4.71 -13.28 -13.07
CA THR F 84 -4.96 -14.37 -12.16
C THR F 84 -6.31 -15.00 -12.46
N ILE F 85 -6.34 -16.33 -12.45
CA ILE F 85 -7.59 -17.09 -12.56
C ILE F 85 -8.20 -17.30 -11.18
N ILE F 86 -9.50 -17.03 -11.05
CA ILE F 86 -10.25 -17.30 -9.83
C ILE F 86 -11.40 -18.25 -10.17
N GLU F 87 -11.52 -19.34 -9.42
CA GLU F 87 -12.73 -20.17 -9.52
C GLU F 87 -13.86 -19.45 -8.81
N ALA F 88 -14.92 -19.13 -9.54
CA ALA F 88 -15.94 -18.20 -9.12
C ALA F 88 -17.34 -18.79 -9.24
N ARG F 89 -18.15 -18.56 -8.21
CA ARG F 89 -19.55 -18.96 -8.19
C ARG F 89 -20.41 -17.75 -8.56
N PRO F 90 -21.11 -17.82 -9.71
CA PRO F 90 -22.00 -16.72 -10.06
C PRO F 90 -23.14 -16.61 -9.07
N ILE F 91 -23.44 -15.39 -8.63
CA ILE F 91 -24.55 -15.19 -7.71
C ILE F 91 -25.56 -14.17 -8.23
N GLY F 92 -25.29 -13.51 -9.36
CA GLY F 92 -26.22 -12.54 -9.88
C GLY F 92 -25.66 -11.89 -11.12
N ILE F 93 -26.37 -10.92 -11.66
CA ILE F 93 -25.95 -10.31 -12.91
C ILE F 93 -26.42 -8.85 -12.98
N MSE F 94 -25.51 -7.95 -13.33
N MSE F 94 -25.49 -7.94 -13.29
CA MSE F 94 -25.84 -6.53 -13.49
CA MSE F 94 -25.84 -6.55 -13.50
C MSE F 94 -26.30 -6.24 -14.90
C MSE F 94 -26.39 -6.43 -14.90
O MSE F 94 -25.55 -6.42 -15.86
O MSE F 94 -25.78 -6.91 -15.86
CB MSE F 94 -24.60 -5.66 -13.18
CB MSE F 94 -24.63 -5.63 -13.34
CG MSE F 94 -24.91 -4.21 -13.21
CG MSE F 94 -24.87 -4.21 -13.85
SE MSE F 94 -23.38 -3.13 -12.86
SE MSE F 94 -24.74 -2.82 -12.49
CE MSE F 94 -22.28 -3.71 -14.35
CE MSE F 94 -22.83 -2.97 -12.17
N LYS F 95 -27.54 -5.79 -15.03
CA LYS F 95 -28.15 -5.54 -16.33
C LYS F 95 -27.89 -4.08 -16.65
N MSE F 96 -27.16 -3.82 -17.74
CA MSE F 96 -26.83 -2.45 -18.12
C MSE F 96 -26.49 -2.35 -19.60
O MSE F 96 -26.17 -3.36 -20.25
CB MSE F 96 -25.65 -1.94 -17.32
CG MSE F 96 -24.41 -2.74 -17.52
SE MSE F 96 -22.76 -1.74 -17.10
CE MSE F 96 -22.99 -0.09 -18.07
N GLU F 97 -26.61 -1.14 -20.12
N GLU F 97 -26.62 -1.14 -20.14
CA GLU F 97 -26.19 -0.81 -21.47
CA GLU F 97 -26.20 -0.83 -21.50
C GLU F 97 -24.98 0.11 -21.41
C GLU F 97 -25.08 0.20 -21.52
N ASP F 98 -24.11 -0.01 -22.40
CA ASP F 98 -23.01 0.92 -22.54
C ASP F 98 -23.02 1.37 -23.99
N SER F 99 -23.02 2.68 -24.21
CA SER F 99 -23.19 3.25 -25.55
C SER F 99 -24.33 2.59 -26.34
N GLY F 100 -25.43 2.29 -25.66
CA GLY F 100 -26.63 1.78 -26.30
C GLY F 100 -26.69 0.28 -26.53
N ASP F 101 -25.67 -0.44 -26.08
CA ASP F 101 -25.59 -1.88 -26.25
C ASP F 101 -25.70 -2.59 -24.92
N LYS F 102 -26.46 -3.69 -24.89
N LYS F 102 -26.44 -3.70 -24.90
CA LYS F 102 -26.48 -4.56 -23.73
CA LYS F 102 -26.51 -4.57 -23.73
C LYS F 102 -25.02 -4.88 -23.40
C LYS F 102 -25.09 -5.04 -23.36
N ASP F 103 -24.69 -4.80 -22.11
CA ASP F 103 -23.32 -5.07 -21.68
C ASP F 103 -23.36 -5.60 -20.25
N TRP F 104 -24.17 -6.65 -20.05
CA TRP F 104 -24.41 -7.22 -18.72
C TRP F 104 -23.15 -7.84 -18.19
N LYS F 105 -23.04 -7.90 -16.87
CA LYS F 105 -21.82 -8.40 -16.23
C LYS F 105 -22.17 -9.30 -15.06
N VAL F 106 -21.55 -10.48 -15.03
CA VAL F 106 -21.80 -11.41 -13.95
C VAL F 106 -21.22 -10.89 -12.66
N LEU F 107 -21.94 -11.12 -11.57
CA LEU F 107 -21.42 -10.90 -10.21
C LEU F 107 -21.17 -12.27 -9.60
N ALA F 108 -19.99 -12.46 -9.02
CA ALA F 108 -19.60 -13.76 -8.51
C ALA F 108 -18.76 -13.61 -7.23
N VAL F 109 -18.64 -14.72 -6.51
CA VAL F 109 -17.78 -14.81 -5.34
C VAL F 109 -16.74 -15.93 -5.51
N PRO F 110 -15.59 -15.81 -4.87
CA PRO F 110 -14.60 -16.88 -4.94
C PRO F 110 -15.06 -18.13 -4.20
N VAL F 111 -14.99 -19.27 -4.87
N VAL F 111 -14.95 -19.28 -4.86
CA VAL F 111 -15.32 -20.54 -4.27
CA VAL F 111 -15.35 -20.53 -4.25
C VAL F 111 -14.43 -20.79 -3.05
C VAL F 111 -14.36 -21.01 -3.19
N GLU F 112 -13.17 -20.42 -3.16
CA GLU F 112 -12.15 -20.82 -2.16
C GLU F 112 -11.83 -19.74 -1.11
N ASP F 113 -12.70 -18.76 -0.94
CA ASP F 113 -12.66 -17.89 0.25
C ASP F 113 -13.86 -18.26 1.10
N PRO F 114 -13.64 -18.87 2.26
N PRO F 114 -13.61 -18.85 2.28
CA PRO F 114 -14.76 -19.35 3.07
CA PRO F 114 -14.65 -19.34 3.20
C PRO F 114 -15.64 -18.23 3.62
C PRO F 114 -15.63 -18.23 3.56
N TYR F 115 -15.12 -17.01 3.59
CA TYR F 115 -15.93 -15.85 3.99
C TYR F 115 -17.25 -15.83 3.23
N PHE F 116 -17.21 -16.25 1.95
CA PHE F 116 -18.37 -16.16 1.06
C PHE F 116 -19.14 -17.46 0.90
N ASN F 117 -18.89 -18.42 1.78
CA ASN F 117 -19.51 -19.75 1.60
C ASN F 117 -21.03 -19.72 1.52
N ASP F 118 -21.66 -18.79 2.24
CA ASP F 118 -23.12 -18.73 2.28
C ASP F 118 -23.67 -17.68 1.33
N TRP F 119 -22.82 -17.11 0.47
CA TRP F 119 -23.29 -16.24 -0.60
C TRP F 119 -23.56 -17.06 -1.85
N LYS F 120 -24.83 -17.16 -2.21
CA LYS F 120 -25.22 -17.99 -3.31
C LYS F 120 -26.21 -17.31 -4.25
N ASP F 121 -26.74 -16.16 -3.85
CA ASP F 121 -27.69 -15.45 -4.69
C ASP F 121 -27.58 -13.98 -4.38
N ILE F 122 -28.29 -13.20 -5.18
CA ILE F 122 -28.17 -11.79 -5.16
C ILE F 122 -28.67 -11.20 -3.83
N SER F 123 -29.62 -11.89 -3.19
CA SER F 123 -30.12 -11.46 -1.89
C SER F 123 -29.10 -11.56 -0.79
N ASP F 124 -28.00 -12.26 -1.02
CA ASP F 124 -26.95 -12.39 0.00
C ASP F 124 -25.97 -11.21 0.03
N VAL F 125 -26.09 -10.30 -0.93
CA VAL F 125 -25.16 -9.18 -1.05
C VAL F 125 -25.75 -7.94 -0.36
N PRO F 126 -24.96 -7.21 0.45
CA PRO F 126 -25.55 -6.01 1.05
C PRO F 126 -26.08 -5.08 -0.03
N LYS F 127 -27.27 -4.52 0.19
CA LYS F 127 -27.86 -3.65 -0.80
C LYS F 127 -26.98 -2.47 -1.16
N ALA F 128 -26.29 -1.89 -0.18
CA ALA F 128 -25.44 -0.74 -0.45
C ALA F 128 -24.29 -1.10 -1.37
N PHE F 129 -23.86 -2.34 -1.29
CA PHE F 129 -22.77 -2.78 -2.16
C PHE F 129 -23.24 -2.91 -3.62
N LEU F 130 -24.41 -3.51 -3.83
CA LEU F 130 -24.99 -3.52 -5.17
C LEU F 130 -25.15 -2.09 -5.68
N ASP F 131 -25.60 -1.18 -4.81
CA ASP F 131 -25.81 0.19 -5.25
C ASP F 131 -24.49 0.85 -5.64
N GLU F 132 -23.43 0.56 -4.88
CA GLU F 132 -22.14 1.16 -5.17
C GLU F 132 -21.58 0.68 -6.52
N ILE F 133 -21.79 -0.60 -6.83
CA ILE F 133 -21.31 -1.12 -8.09
C ILE F 133 -22.09 -0.48 -9.24
N ALA F 134 -23.39 -0.43 -9.12
CA ALA F 134 -24.21 0.17 -10.15
C ALA F 134 -23.83 1.64 -10.37
N HIS F 135 -23.59 2.37 -9.29
CA HIS F 135 -23.27 3.79 -9.40
C HIS F 135 -21.93 3.99 -10.10
N PHE F 136 -20.94 3.15 -9.79
CA PHE F 136 -19.69 3.18 -10.51
C PHE F 136 -19.92 3.10 -12.02
N PHE F 137 -20.69 2.11 -12.48
CA PHE F 137 -20.94 1.98 -13.89
C PHE F 137 -21.81 3.11 -14.44
N GLN F 138 -22.69 3.66 -13.61
CA GLN F 138 -23.53 4.76 -14.06
C GLN F 138 -22.69 6.01 -14.38
N ARG F 139 -21.61 6.21 -13.61
CA ARG F 139 -20.91 7.50 -13.62
C ARG F 139 -19.45 7.48 -14.08
N TYR F 140 -18.80 6.31 -14.15
CA TYR F 140 -17.36 6.31 -14.33
C TYR F 140 -16.90 6.82 -15.70
N LYS F 141 -17.77 6.85 -16.71
CA LYS F 141 -17.43 7.38 -18.02
C LYS F 141 -18.19 8.69 -18.30
N GLU F 142 -18.78 9.29 -17.28
CA GLU F 142 -19.53 10.53 -17.47
C GLU F 142 -18.66 11.61 -18.13
N LEU F 143 -17.41 11.74 -17.67
CA LEU F 143 -16.54 12.78 -18.20
C LEU F 143 -16.03 12.49 -19.57
N GLN F 144 -16.28 11.28 -20.08
CA GLN F 144 -15.98 10.93 -21.45
C GLN F 144 -17.19 11.11 -22.36
N GLY F 145 -18.30 11.62 -21.83
CA GLY F 145 -19.47 11.93 -22.64
C GLY F 145 -20.21 10.67 -23.03
N LYS F 146 -19.85 9.58 -22.37
CA LYS F 146 -20.40 8.28 -22.69
C LYS F 146 -21.67 8.10 -21.90
N THR F 147 -22.58 7.39 -22.53
CA THR F 147 -23.87 7.16 -21.94
C THR F 147 -23.96 5.71 -21.50
N THR F 148 -24.20 5.50 -20.22
CA THR F 148 -24.47 4.17 -19.71
C THR F 148 -25.87 4.20 -19.11
N LYS F 149 -26.56 3.07 -19.14
N LYS F 149 -26.55 3.07 -19.11
CA LYS F 149 -27.86 2.94 -18.51
CA LYS F 149 -27.87 2.96 -18.49
C LYS F 149 -27.85 1.68 -17.66
C LYS F 149 -28.00 1.67 -17.69
N ILE F 150 -28.18 1.81 -16.39
CA ILE F 150 -28.24 0.65 -15.49
C ILE F 150 -29.68 0.24 -15.30
N GLU F 151 -29.98 -1.03 -15.51
CA GLU F 151 -31.36 -1.52 -15.47
C GLU F 151 -31.72 -2.16 -14.12
N GLY F 152 -30.78 -2.84 -13.50
CA GLY F 152 -31.05 -3.55 -12.26
C GLY F 152 -30.21 -4.81 -12.16
N TRP F 153 -30.59 -5.71 -11.26
CA TRP F 153 -29.84 -6.91 -10.99
C TRP F 153 -30.72 -8.12 -11.23
N GLY F 154 -30.17 -9.11 -11.91
CA GLY F 154 -30.80 -10.42 -12.00
C GLY F 154 -30.17 -11.38 -11.00
N ASN F 155 -30.89 -12.46 -10.73
CA ASN F 155 -30.49 -13.42 -9.72
C ASN F 155 -29.51 -14.44 -10.27
N ALA F 156 -29.11 -15.38 -9.42
CA ALA F 156 -28.09 -16.37 -9.79
C ALA F 156 -28.57 -17.25 -10.95
N GLU F 157 -29.82 -17.66 -10.93
CA GLU F 157 -30.34 -18.49 -12.01
C GLU F 157 -30.22 -17.77 -13.36
N GLU F 158 -30.57 -16.48 -13.38
CA GLU F 158 -30.46 -15.70 -14.59
C GLU F 158 -29.01 -15.53 -15.06
N ALA F 159 -28.12 -15.25 -14.10
CA ALA F 159 -26.72 -15.10 -14.41
C ALA F 159 -26.19 -16.36 -15.09
N LYS F 160 -26.53 -17.52 -14.52
CA LYS F 160 -26.05 -18.79 -15.03
C LYS F 160 -26.61 -19.06 -16.43
N ARG F 161 -27.87 -18.71 -16.64
N ARG F 161 -27.88 -18.74 -16.64
CA ARG F 161 -28.47 -18.87 -17.95
CA ARG F 161 -28.46 -18.93 -17.95
C ARG F 161 -27.68 -18.05 -18.99
C ARG F 161 -27.67 -18.11 -18.96
N GLU F 162 -27.26 -16.86 -18.61
N GLU F 162 -27.37 -16.86 -18.61
CA GLU F 162 -26.61 -15.95 -19.55
CA GLU F 162 -26.66 -16.00 -19.54
C GLU F 162 -25.17 -16.37 -19.81
C GLU F 162 -25.26 -16.55 -19.84
N ILE F 163 -24.53 -16.93 -18.80
CA ILE F 163 -23.22 -17.51 -18.98
C ILE F 163 -23.28 -18.65 -20.00
N LEU F 164 -24.23 -19.57 -19.84
CA LEU F 164 -24.29 -20.69 -20.78
C LEU F 164 -24.58 -20.22 -22.20
N ARG F 165 -25.41 -19.19 -22.34
N ARG F 165 -25.46 -19.23 -22.38
CA ARG F 165 -25.73 -18.61 -23.63
CA ARG F 165 -25.68 -18.72 -23.71
C ARG F 165 -24.46 -18.12 -24.33
C ARG F 165 -24.39 -18.24 -24.33
N ALA F 166 -23.56 -17.53 -23.55
CA ALA F 166 -22.32 -16.98 -24.08
C ALA F 166 -21.29 -18.08 -24.38
N ILE F 167 -21.29 -19.12 -23.57
CA ILE F 167 -20.43 -20.27 -23.81
C ILE F 167 -20.83 -20.91 -25.14
N GLU F 168 -22.12 -21.08 -25.36
CA GLU F 168 -22.56 -21.73 -26.61
C GLU F 168 -22.30 -20.86 -27.85
N MSE F 169 -22.50 -19.56 -27.73
N MSE F 169 -22.49 -19.56 -27.71
CA MSE F 169 -22.24 -18.70 -28.86
CA MSE F 169 -22.25 -18.64 -28.81
C MSE F 169 -20.77 -18.75 -29.29
C MSE F 169 -20.78 -18.69 -29.27
O MSE F 169 -20.46 -18.72 -30.47
O MSE F 169 -20.50 -18.60 -30.46
CB MSE F 169 -22.69 -17.27 -28.58
CB MSE F 169 -22.63 -17.21 -28.39
CG MSE F 169 -24.17 -17.05 -28.90
CG MSE F 169 -23.42 -16.43 -29.44
SE MSE F 169 -24.56 -17.32 -30.81
SE MSE F 169 -24.42 -14.91 -28.67
CE MSE F 169 -23.35 -15.96 -31.47
CE MSE F 169 -25.68 -15.88 -27.58
N TYR F 170 -19.86 -18.85 -28.32
CA TYR F 170 -18.45 -18.96 -28.64
C TYR F 170 -18.18 -20.25 -29.42
N LYS F 171 -18.81 -21.35 -29.01
CA LYS F 171 -18.69 -22.60 -29.75
C LYS F 171 -19.11 -22.44 -31.20
N GLU F 172 -20.17 -21.67 -31.46
CA GLU F 172 -20.61 -21.47 -32.84
C GLU F 172 -19.73 -20.51 -33.63
N LYS F 173 -19.28 -19.44 -32.98
CA LYS F 173 -18.78 -18.30 -33.74
C LYS F 173 -17.27 -18.17 -33.78
N PHE F 174 -16.58 -18.68 -32.77
CA PHE F 174 -15.16 -18.41 -32.70
C PHE F 174 -14.41 -19.11 -33.82
N GLY F 175 -13.56 -18.34 -34.51
CA GLY F 175 -12.80 -18.84 -35.64
C GLY F 175 -13.61 -18.83 -36.91
S SO4 G . 1.44 -10.57 27.18
O1 SO4 G . 0.18 -11.27 27.12
O2 SO4 G . 2.36 -11.06 26.13
O3 SO4 G . 1.12 -9.17 26.97
O4 SO4 G . 2.01 -10.73 28.50
S SO4 H . -4.05 -7.40 25.46
O1 SO4 H . -4.65 -8.56 26.12
O2 SO4 H . -3.24 -7.90 24.35
O3 SO4 H . -5.11 -6.55 24.93
O4 SO4 H . -3.26 -6.64 26.42
S SO4 I . -4.24 -28.91 1.98
O1 SO4 I . -5.15 -27.97 2.70
O2 SO4 I . -4.83 -30.23 1.74
O3 SO4 I . -3.81 -28.28 0.74
O4 SO4 I . -3.06 -29.21 2.83
S SO4 J . 2.12 -27.92 0.88
O1 SO4 J . 0.93 -28.39 1.60
O2 SO4 J . 2.76 -29.09 0.27
O3 SO4 J . 1.74 -27.02 -0.20
O4 SO4 J . 3.05 -27.25 1.76
S SO4 K . 25.58 -1.98 -14.28
O1 SO4 K . 24.52 -2.90 -14.70
O2 SO4 K . 26.91 -2.48 -14.62
O3 SO4 K . 25.45 -0.68 -14.94
O4 SO4 K . 25.45 -1.73 -12.83
S SO4 L . -24.35 15.71 3.86
O1 SO4 L . -25.64 16.08 4.43
O2 SO4 L . -24.41 14.34 3.30
O3 SO4 L . -24.17 16.64 2.74
O4 SO4 L . -23.27 15.88 4.82
S SO4 M . -16.88 18.96 4.65
O1 SO4 M . -17.17 18.04 5.75
O2 SO4 M . -15.48 19.37 4.66
O3 SO4 M . -17.14 18.34 3.37
O4 SO4 M . -17.67 20.17 4.85
N NH4 N . -19.64 18.70 4.95
S SO4 O . 19.44 17.86 9.64
S SO4 O . 16.27 17.08 10.86
O1 SO4 O . 20.05 18.47 10.83
O1 SO4 O . 17.32 17.83 11.56
O2 SO4 O . 17.98 17.79 9.79
O2 SO4 O . 15.75 16.01 11.71
O3 SO4 O . 19.79 18.70 8.49
O3 SO4 O . 15.20 18.03 10.47
O4 SO4 O . 19.90 16.50 9.45
O4 SO4 O . 16.81 16.41 9.69
S SO4 P . 18.50 22.37 4.93
O1 SO4 P . 17.43 22.01 5.84
O2 SO4 P . 19.64 21.48 5.20
O3 SO4 P . 18.05 22.11 3.55
O4 SO4 P . 18.97 23.74 5.15
S SO4 Q . -15.74 3.66 -24.62
O1 SO4 Q . -15.65 2.34 -24.00
O2 SO4 Q . -14.54 3.86 -25.43
O3 SO4 Q . -16.83 3.78 -25.59
O4 SO4 Q . -15.70 4.69 -23.59
#